data_7Q4E
#
_entry.id   7Q4E
#
_cell.length_a   1.00
_cell.length_b   1.00
_cell.length_c   1.00
_cell.angle_alpha   90.00
_cell.angle_beta   90.00
_cell.angle_gamma   90.00
#
_symmetry.space_group_name_H-M   'P 1'
#
loop_
_entity.id
_entity.type
_entity.pdbx_description
1 polymer 'Angiotensin-converting enzyme'
2 branched 2-acetamido-2-deoxy-beta-D-glucopyranose-(1-2)-alpha-D-mannopyranose-(1-6)-[alpha-D-mannopyranose-(1-3)]beta-D-mannopyranose-(1-4)-2-acetamido-2-deoxy-beta-D-glucopyranose-(1-4)-[alpha-L-fucopyranose-(1-6)]2-acetamido-2-deoxy-beta-D-glucopyranose
3 branched beta-D-mannopyranose-(1-4)-2-acetamido-2-deoxy-beta-D-glucopyranose-(1-4)-2-acetamido-2-deoxy-beta-D-glucopyranose
4 branched alpha-D-mannopyranose-(1-3)-beta-D-mannopyranose-(1-4)-2-acetamido-2-deoxy-beta-D-glucopyranose-(1-4)-2-acetamido-2-deoxy-beta-D-glucopyranose
5 branched 2-acetamido-2-deoxy-beta-D-glucopyranose-(1-2)-alpha-D-mannopyranose-(1-6)-beta-D-mannopyranose-(1-4)-2-acetamido-2-deoxy-beta-D-glucopyranose-(1-4)-2-acetamido-2-deoxy-beta-D-glucopyranose
6 branched 2-acetamido-2-deoxy-beta-D-glucopyranose-(1-4)-2-acetamido-2-deoxy-beta-D-glucopyranose
7 non-polymer 'ZINC ION'
8 non-polymer 2-acetamido-2-deoxy-beta-D-glucopyranose
#
_entity_poly.entity_id   1
_entity_poly.type   'polypeptide(L)'
_entity_poly.pdbx_seq_one_letter_code
;LDPGLQPGNFSADEAGAQLFAQSYNSSAEQVLFQSVAASWAHDTNITAENARRQEEAALLSQEFAEAWGQKAKELYEPIW
QNFTDPQLRRIIGAVRTLGSANLPLAKRQQYNALLSNMSRIYSTAKVCLPNKTATCWSLDPDLTNILASSRSYAMLLFAW
EGWHNAAGIPLKPLYEDFTALSNEAYKQDGFTDTGAYWRSWYNSPTFEDDLEHLYQQLEPLYLNLHAFVRRALHRRYGDR
YINLRGPIPAHLLGDMWAQSWENIYDMVVPFPDKPNLDVTSTMLQQGWNATHMFRVAEEFFTSLELSPMPPEFWEGSMLE
KPADGREVVCHASAWDFYNRKDFRIKQCTRVTMDQLSTVHHEMGHIQYYLQYKDLPVSLRRGANPGFHEAIGDVLALSVS
TPEHLHKIGLLDRVTNDTESDINYLLKMALEKIAFLPFGYLVDQWRWGVFSGRTPPSRYNFDWWYLRTKYQGICPPVTRN
ETHFDAGAKFHVPNVTPYIRYFVSFVLQFQFHEALCKEAGYEGPLHQCDIYRSTKAGAKLRKVLQAGSSRPWQEVLKDMV
GLDALDAQPLLKYFQLVTQWLQEQNQQNGEVLGWPEYQWHPPLPDNYPEGIDLVTDEAEASKFVEEYDRTSQVVWNEYAE
ANWNYNTNITTETSKILLQKNMQIANHTLKYGTQARKFDVNQLQNTTIKRIIKKVQDLERAALPAQELEEYNKILLDMET
TYSVATVCHPNGSCLQLEPDLTNVMATSRKYEDLLWAWEGWRDKAGRAILQFYPKYVELINQAARLNGYVDAGDSWRSMY
ETPSLEQDLERLFQELQPLYLNLHAYVRRALHRHYGAQHINLEGPIPAHLLGNMWAQTWSNIYDLVVPFPSAPSMDTTEA
MLKQGWTPRRMFKEADDFFTSLGLLPVPPEFWNKSMLEKPTDGREVVCHASAWDFYNGKDFRIKQCTTVNLEDLVVAHHE
MGHIQYFMQYKDLPVALREGANPGFHEAIGDVLALSVSTPKHLHSLNLLSSEGGSDEHDINFLMKMALDKIAFIPFSYLV
DQWRWRVFDGSITKENYNQEWWSLRLKYQGLCPPVPRTQGDFDPGAKFHIPSSVPYIRYFVSFIIQFQFHEALCQAAGHT
GPLHKCDIYQSKEAGQRLATAMKLGFSRPWPEAMQLITGQPNMSASAMLSYFKPLLDWLRTENELHGEKLGWPQYNWTPN
SARSEGPLPDS
;
_entity_poly.pdbx_strand_id   A
#
loop_
_chem_comp.id
_chem_comp.type
_chem_comp.name
_chem_comp.formula
BMA D-saccharide, beta linking beta-D-mannopyranose 'C6 H12 O6'
FUC L-saccharide, alpha linking alpha-L-fucopyranose 'C6 H12 O5'
MAN D-saccharide, alpha linking alpha-D-mannopyranose 'C6 H12 O6'
NAG D-saccharide, beta linking 2-acetamido-2-deoxy-beta-D-glucopyranose 'C8 H15 N O6'
ZN non-polymer 'ZINC ION' 'Zn 2'
#
# COMPACT_ATOMS: atom_id res chain seq x y z
N LEU A 1 -21.88 20.49 -17.85
CA LEU A 1 -22.54 20.02 -16.60
C LEU A 1 -24.03 19.76 -16.83
N ASP A 2 -24.41 18.50 -16.74
CA ASP A 2 -25.82 18.14 -16.75
C ASP A 2 -26.55 18.77 -15.57
N PRO A 3 -27.67 19.47 -15.78
CA PRO A 3 -28.34 20.14 -14.65
C PRO A 3 -28.67 19.20 -13.50
N GLY A 4 -29.03 17.95 -13.80
CA GLY A 4 -29.29 16.99 -12.74
C GLY A 4 -28.06 16.65 -11.92
N LEU A 5 -26.91 17.15 -12.33
CA LEU A 5 -25.65 16.92 -11.64
C LEU A 5 -25.13 18.19 -11.00
N GLN A 6 -25.77 19.31 -11.26
CA GLN A 6 -25.41 20.65 -10.85
C GLN A 6 -26.16 21.03 -9.60
N PRO A 7 -25.48 21.52 -8.57
CA PRO A 7 -26.14 21.71 -7.28
C PRO A 7 -27.22 22.77 -7.37
N GLY A 8 -28.18 22.66 -6.47
CA GLY A 8 -29.20 23.68 -6.30
C GLY A 8 -28.84 24.69 -5.24
N ASN A 9 -29.87 25.25 -4.61
CA ASN A 9 -29.73 26.21 -3.53
C ASN A 9 -30.01 25.57 -2.18
N PHE A 10 -29.22 25.95 -1.18
CA PHE A 10 -29.39 25.44 0.16
C PHE A 10 -29.07 26.56 1.14
N SER A 11 -29.74 26.56 2.28
CA SER A 11 -29.53 27.61 3.26
C SER A 11 -28.23 27.35 4.02
N ALA A 12 -27.83 28.35 4.81
CA ALA A 12 -26.68 28.20 5.71
C ALA A 12 -27.00 27.33 6.92
N ASP A 13 -28.22 26.84 7.05
CA ASP A 13 -28.59 26.05 8.20
C ASP A 13 -27.94 24.67 8.14
N GLU A 14 -27.89 24.01 9.30
CA GLU A 14 -27.74 22.56 9.26
C GLU A 14 -28.91 21.93 8.54
N ALA A 15 -30.12 22.45 8.80
CA ALA A 15 -31.30 21.89 8.16
C ALA A 15 -31.16 21.91 6.64
N GLY A 16 -30.59 22.99 6.11
CA GLY A 16 -30.26 23.00 4.70
C GLY A 16 -29.12 22.06 4.38
N ALA A 17 -28.04 22.15 5.17
CA ALA A 17 -26.86 21.37 4.82
C ALA A 17 -27.17 19.89 4.83
N GLN A 18 -28.08 19.44 5.69
CA GLN A 18 -28.55 18.07 5.61
C GLN A 18 -29.18 17.80 4.26
N LEU A 19 -29.95 18.76 3.74
CA LEU A 19 -30.53 18.58 2.41
C LEU A 19 -29.45 18.62 1.33
N PHE A 20 -28.44 19.46 1.51
CA PHE A 20 -27.32 19.46 0.58
C PHE A 20 -26.63 18.11 0.57
N ALA A 21 -26.36 17.56 1.75
CA ALA A 21 -25.74 16.25 1.82
C ALA A 21 -26.58 15.21 1.08
N GLN A 22 -27.90 15.26 1.27
CA GLN A 22 -28.76 14.31 0.59
C GLN A 22 -28.71 14.47 -0.92
N SER A 23 -28.73 15.71 -1.41
CA SER A 23 -28.71 15.91 -2.85
C SER A 23 -27.38 15.47 -3.45
N TYR A 24 -26.27 15.87 -2.82
CA TYR A 24 -24.98 15.41 -3.29
C TYR A 24 -24.95 13.90 -3.37
N ASN A 25 -25.41 13.23 -2.32
CA ASN A 25 -25.43 11.78 -2.34
C ASN A 25 -26.13 11.24 -3.59
N SER A 26 -27.37 11.68 -3.83
CA SER A 26 -28.15 11.11 -4.93
C SER A 26 -27.51 11.37 -6.29
N SER A 27 -26.94 12.55 -6.49
CA SER A 27 -26.23 12.78 -7.74
C SER A 27 -24.93 12.00 -7.80
N ALA A 28 -24.25 11.90 -6.66
CA ALA A 28 -22.88 11.42 -6.67
C ALA A 28 -22.77 9.98 -7.20
N GLU A 29 -23.61 9.08 -6.71
CA GLU A 29 -23.51 7.72 -7.22
C GLU A 29 -23.96 7.62 -8.68
N GLN A 30 -24.70 8.61 -9.19
CA GLN A 30 -25.01 8.58 -10.62
C GLN A 30 -23.85 9.02 -11.48
N VAL A 31 -23.00 9.94 -11.00
CA VAL A 31 -21.81 10.28 -11.75
C VAL A 31 -20.73 9.25 -11.56
N LEU A 32 -20.49 8.85 -10.30
CA LEU A 32 -19.38 7.96 -10.00
C LEU A 32 -19.55 6.61 -10.67
N PHE A 33 -20.78 6.10 -10.72
CA PHE A 33 -21.02 4.88 -11.46
C PHE A 33 -20.65 5.04 -12.92
N GLN A 34 -21.17 6.08 -13.58
CA GLN A 34 -20.84 6.29 -14.97
C GLN A 34 -19.33 6.40 -15.15
N SER A 35 -18.65 7.06 -14.21
CA SER A 35 -17.21 7.15 -14.28
C SER A 35 -16.55 5.78 -14.12
N VAL A 36 -16.91 5.05 -13.07
CA VAL A 36 -16.24 3.78 -12.82
C VAL A 36 -16.61 2.74 -13.87
N ALA A 37 -17.83 2.79 -14.39
CA ALA A 37 -18.17 1.89 -15.49
C ALA A 37 -17.20 2.03 -16.64
N ALA A 38 -16.97 3.26 -17.10
CA ALA A 38 -15.99 3.48 -18.15
C ALA A 38 -14.61 2.98 -17.74
N SER A 39 -14.18 3.32 -16.53
CA SER A 39 -12.85 2.93 -16.10
C SER A 39 -12.77 1.41 -15.95
N TRP A 40 -13.87 0.79 -15.56
CA TRP A 40 -13.92 -0.66 -15.52
C TRP A 40 -13.71 -1.26 -16.90
N ALA A 41 -14.45 -0.77 -17.89
CA ALA A 41 -14.34 -1.30 -19.25
C ALA A 41 -12.92 -1.14 -19.78
N HIS A 42 -12.37 0.07 -19.68
CA HIS A 42 -11.01 0.30 -20.17
C HIS A 42 -10.01 -0.67 -19.56
N ASP A 43 -10.15 -0.96 -18.28
CA ASP A 43 -9.22 -1.87 -17.62
C ASP A 43 -9.58 -3.31 -17.91
N THR A 44 -10.87 -3.62 -18.06
CA THR A 44 -11.27 -4.98 -18.42
C THR A 44 -10.79 -5.38 -19.81
N ASN A 45 -10.69 -4.44 -20.76
CA ASN A 45 -9.90 -4.69 -21.96
C ASN A 45 -9.49 -3.36 -22.59
N ILE A 46 -8.22 -3.27 -22.95
CA ILE A 46 -7.67 -2.05 -23.54
C ILE A 46 -8.21 -1.85 -24.94
N THR A 47 -8.82 -0.69 -25.18
CA THR A 47 -9.03 -0.17 -26.52
C THR A 47 -8.86 1.34 -26.49
N ALA A 48 -8.37 1.89 -27.60
CA ALA A 48 -8.27 3.33 -27.70
C ALA A 48 -9.64 3.98 -27.55
N GLU A 49 -10.69 3.31 -27.99
CA GLU A 49 -12.04 3.79 -27.73
C GLU A 49 -12.34 3.84 -26.24
N ASN A 50 -12.00 2.77 -25.53
CA ASN A 50 -12.26 2.75 -24.10
C ASN A 50 -11.31 3.68 -23.34
N ALA A 51 -10.09 3.83 -23.82
CA ALA A 51 -9.21 4.84 -23.24
C ALA A 51 -9.81 6.23 -23.37
N ARG A 52 -10.37 6.55 -24.54
CA ARG A 52 -11.07 7.81 -24.68
C ARG A 52 -12.21 7.92 -23.68
N ARG A 53 -13.03 6.87 -23.57
CA ARG A 53 -14.11 6.88 -22.60
C ARG A 53 -13.58 7.02 -21.19
N GLN A 54 -12.44 6.37 -20.90
CA GLN A 54 -11.75 6.57 -19.64
C GLN A 54 -11.35 8.03 -19.45
N GLU A 55 -10.73 8.62 -20.47
CA GLU A 55 -10.31 10.02 -20.37
C GLU A 55 -11.49 10.93 -20.13
N GLU A 56 -12.57 10.76 -20.90
CA GLU A 56 -13.76 11.59 -20.71
C GLU A 56 -14.38 11.36 -19.33
N ALA A 57 -14.39 10.11 -18.87
CA ALA A 57 -14.89 9.84 -17.52
C ALA A 57 -14.09 10.61 -16.48
N ALA A 58 -12.76 10.62 -16.60
CA ALA A 58 -11.95 11.37 -15.65
C ALA A 58 -12.35 12.84 -15.62
N LEU A 59 -12.46 13.47 -16.79
CA LEU A 59 -12.87 14.87 -16.83
C LEU A 59 -14.25 15.06 -16.22
N LEU A 60 -15.19 14.20 -16.57
CA LEU A 60 -16.53 14.32 -16.02
C LEU A 60 -16.54 14.20 -14.50
N SER A 61 -15.68 13.37 -13.93
CA SER A 61 -15.62 13.24 -12.49
C SER A 61 -15.10 14.53 -11.84
N GLN A 62 -13.97 15.04 -12.32
CA GLN A 62 -13.44 16.28 -11.79
C GLN A 62 -14.44 17.41 -11.95
N GLU A 63 -15.04 17.52 -13.13
CA GLU A 63 -16.04 18.55 -13.35
C GLU A 63 -17.18 18.44 -12.34
N PHE A 64 -17.54 17.22 -11.95
CA PHE A 64 -18.55 17.05 -10.92
C PHE A 64 -18.03 17.45 -9.55
N ALA A 65 -16.86 16.97 -9.17
CA ALA A 65 -16.29 17.35 -7.88
C ALA A 65 -16.10 18.86 -7.79
N GLU A 66 -15.74 19.50 -8.90
CA GLU A 66 -15.63 20.96 -8.91
C GLU A 66 -16.99 21.61 -8.68
N ALA A 67 -17.96 21.28 -9.52
CA ALA A 67 -19.24 21.98 -9.48
C ALA A 67 -19.85 21.92 -8.09
N TRP A 68 -19.68 20.79 -7.40
CA TRP A 68 -20.16 20.69 -6.04
C TRP A 68 -19.19 21.30 -5.04
N GLY A 69 -17.89 21.07 -5.24
CA GLY A 69 -16.92 21.61 -4.30
C GLY A 69 -16.98 23.12 -4.20
N GLN A 70 -17.06 23.80 -5.34
CA GLN A 70 -17.14 25.25 -5.31
C GLN A 70 -18.31 25.75 -4.47
N LYS A 71 -19.49 25.13 -4.63
CA LYS A 71 -20.62 25.56 -3.82
C LYS A 71 -20.45 25.17 -2.36
N ALA A 72 -19.91 23.98 -2.10
CA ALA A 72 -19.68 23.59 -0.70
C ALA A 72 -18.81 24.62 0.02
N LYS A 73 -17.77 25.12 -0.64
CA LYS A 73 -17.01 26.21 -0.06
C LYS A 73 -17.86 27.47 0.03
N GLU A 74 -18.39 27.91 -1.12
CA GLU A 74 -19.15 29.16 -1.17
C GLU A 74 -20.20 29.24 -0.09
N LEU A 75 -20.93 28.15 0.14
CA LEU A 75 -22.02 28.20 1.11
C LEU A 75 -21.63 27.78 2.52
N TYR A 76 -20.72 26.81 2.69
CA TYR A 76 -20.48 26.24 4.01
C TYR A 76 -19.05 26.31 4.52
N GLU A 77 -18.09 26.79 3.74
CA GLU A 77 -16.74 26.94 4.30
C GLU A 77 -16.73 27.79 5.56
N PRO A 78 -17.51 28.86 5.69
CA PRO A 78 -17.52 29.61 6.95
C PRO A 78 -18.16 28.88 8.12
N ILE A 79 -18.69 27.68 7.94
CA ILE A 79 -19.67 27.16 8.89
C ILE A 79 -19.38 25.70 9.22
N TRP A 80 -19.05 24.90 8.22
CA TRP A 80 -19.18 23.44 8.32
C TRP A 80 -18.62 22.90 9.64
N GLN A 81 -17.46 23.39 10.06
CA GLN A 81 -16.87 22.94 11.32
C GLN A 81 -17.84 22.98 12.47
N ASN A 82 -18.89 23.79 12.36
CA ASN A 82 -19.82 24.06 13.45
C ASN A 82 -20.89 22.99 13.60
N PHE A 83 -21.17 22.24 12.55
CA PHE A 83 -22.40 21.45 12.48
C PHE A 83 -22.43 20.32 13.49
N THR A 84 -23.66 19.99 13.93
CA THR A 84 -23.86 19.14 15.10
C THR A 84 -23.47 17.69 14.86
N ASP A 85 -23.87 17.11 13.74
CA ASP A 85 -23.51 15.73 13.45
C ASP A 85 -22.04 15.62 13.08
N PRO A 86 -21.26 14.77 13.77
CA PRO A 86 -19.91 14.48 13.26
C PRO A 86 -19.94 13.72 11.96
N GLN A 87 -21.02 12.99 11.70
CA GLN A 87 -21.20 12.40 10.38
C GLN A 87 -21.36 13.47 9.32
N LEU A 88 -22.25 14.44 9.56
CA LEU A 88 -22.44 15.50 8.58
C LEU A 88 -21.18 16.34 8.42
N ARG A 89 -20.49 16.63 9.52
CA ARG A 89 -19.23 17.34 9.39
C ARG A 89 -18.26 16.57 8.50
N ARG A 90 -18.27 15.24 8.58
CA ARG A 90 -17.45 14.46 7.67
C ARG A 90 -17.96 14.56 6.24
N ILE A 91 -19.27 14.47 6.03
CA ILE A 91 -19.82 14.60 4.68
C ILE A 91 -19.35 15.91 4.06
N ILE A 92 -19.67 17.02 4.70
CA ILE A 92 -19.40 18.33 4.10
C ILE A 92 -17.90 18.56 4.01
N GLY A 93 -17.15 18.14 5.04
CA GLY A 93 -15.71 18.31 5.00
C GLY A 93 -15.07 17.66 3.80
N ALA A 94 -15.60 16.52 3.37
CA ALA A 94 -15.04 15.86 2.19
C ALA A 94 -15.42 16.63 0.92
N VAL A 95 -16.69 17.00 0.79
CA VAL A 95 -17.12 17.76 -0.38
C VAL A 95 -16.38 19.10 -0.45
N ARG A 96 -16.23 19.75 0.70
CA ARG A 96 -15.60 21.06 0.77
C ARG A 96 -14.14 21.05 0.37
N THR A 97 -13.50 19.89 0.27
CA THR A 97 -12.12 19.83 -0.20
C THR A 97 -12.10 19.90 -1.71
N LEU A 98 -11.24 20.78 -2.25
CA LEU A 98 -11.19 21.03 -3.69
C LEU A 98 -9.86 20.63 -4.31
N GLY A 99 -8.80 20.52 -3.53
CA GLY A 99 -7.51 20.17 -4.08
C GLY A 99 -7.07 21.13 -5.16
N SER A 100 -6.56 20.56 -6.26
CA SER A 100 -6.06 21.38 -7.35
C SER A 100 -7.10 22.32 -7.92
N ALA A 101 -8.38 21.98 -7.78
CA ALA A 101 -9.44 22.87 -8.26
C ALA A 101 -9.41 24.24 -7.61
N ASN A 102 -8.62 24.44 -6.56
CA ASN A 102 -8.42 25.79 -6.04
C ASN A 102 -7.62 26.66 -7.00
N LEU A 103 -6.69 26.09 -7.74
CA LEU A 103 -5.80 26.88 -8.58
C LEU A 103 -6.56 27.57 -9.71
N PRO A 104 -6.30 28.84 -9.96
CA PRO A 104 -6.80 29.46 -11.20
C PRO A 104 -6.25 28.76 -12.43
N LEU A 105 -6.96 28.94 -13.54
CA LEU A 105 -6.75 28.12 -14.73
C LEU A 105 -5.30 28.08 -15.17
N ALA A 106 -4.61 29.21 -15.16
CA ALA A 106 -3.23 29.23 -15.61
C ALA A 106 -2.38 28.29 -14.77
N LYS A 107 -2.48 28.40 -13.45
CA LYS A 107 -1.75 27.49 -12.58
C LYS A 107 -2.30 26.08 -12.71
N ARG A 108 -3.63 25.96 -12.68
CA ARG A 108 -4.28 24.65 -12.79
C ARG A 108 -3.78 23.90 -14.03
N GLN A 109 -3.73 24.58 -15.16
CA GLN A 109 -3.31 23.92 -16.40
C GLN A 109 -1.83 23.60 -16.39
N GLN A 110 -1.01 24.37 -15.68
CA GLN A 110 0.35 23.91 -15.45
C GLN A 110 0.38 22.72 -14.53
N TYR A 111 -0.41 22.76 -13.46
CA TYR A 111 -0.36 21.71 -12.44
C TYR A 111 -0.64 20.34 -13.04
N ASN A 112 -1.80 20.17 -13.66
CA ASN A 112 -2.11 18.89 -14.29
C ASN A 112 -1.02 18.51 -15.27
N ALA A 113 -0.65 19.43 -16.16
CA ALA A 113 0.38 19.15 -17.13
C ALA A 113 1.69 18.80 -16.45
N LEU A 114 1.96 19.39 -15.28
CA LEU A 114 3.20 19.09 -14.58
C LEU A 114 3.15 17.69 -13.96
N LEU A 115 2.06 17.37 -13.28
CA LEU A 115 1.91 16.04 -12.70
C LEU A 115 2.02 14.96 -13.76
N SER A 116 1.30 15.11 -14.87
CA SER A 116 1.41 14.16 -15.96
C SER A 116 2.83 14.04 -16.48
N ASN A 117 3.55 15.16 -16.62
CA ASN A 117 4.91 15.09 -17.11
C ASN A 117 5.82 14.29 -16.19
N MET A 118 5.64 14.37 -14.89
CA MET A 118 6.44 13.56 -14.00
C MET A 118 6.19 12.08 -14.26
N SER A 119 4.93 11.67 -14.22
CA SER A 119 4.60 10.28 -14.47
C SER A 119 5.18 9.79 -15.79
N ARG A 120 5.12 10.61 -16.84
CA ARG A 120 5.70 10.22 -18.12
C ARG A 120 7.17 9.92 -17.99
N ILE A 121 7.95 10.86 -17.45
CA ILE A 121 9.40 10.67 -17.44
C ILE A 121 9.80 9.54 -16.52
N TYR A 122 9.02 9.27 -15.49
CA TYR A 122 9.27 8.11 -14.65
C TYR A 122 8.90 6.82 -15.35
N SER A 123 7.63 6.70 -15.74
CA SER A 123 7.16 5.47 -16.37
C SER A 123 7.93 5.17 -17.65
N THR A 124 8.44 6.20 -18.31
CA THR A 124 9.17 6.05 -19.56
C THR A 124 10.65 6.30 -19.37
N ALA A 125 11.11 6.28 -18.13
CA ALA A 125 12.53 6.26 -17.86
C ALA A 125 13.19 5.08 -18.55
N LYS A 126 14.51 5.15 -18.67
CA LYS A 126 15.25 4.11 -19.36
C LYS A 126 16.67 4.11 -18.84
N VAL A 127 17.33 2.96 -18.97
CA VAL A 127 18.75 2.82 -18.69
C VAL A 127 19.39 2.16 -19.90
N CYS A 128 20.58 2.62 -20.27
CA CYS A 128 21.27 2.09 -21.43
C CYS A 128 22.67 1.64 -21.07
N LEU A 129 23.01 0.44 -21.51
CA LEU A 129 24.33 -0.11 -21.28
C LEU A 129 25.38 0.77 -21.99
N PRO A 130 26.63 0.80 -21.50
CA PRO A 130 27.56 1.82 -21.98
C PRO A 130 28.18 1.50 -23.33
N ASN A 131 27.39 1.00 -24.26
CA ASN A 131 27.84 0.75 -25.62
C ASN A 131 26.92 1.44 -26.60
N LYS A 132 27.30 1.41 -27.86
CA LYS A 132 26.38 1.68 -28.96
C LYS A 132 25.44 0.49 -29.07
N THR A 133 24.71 0.22 -27.99
CA THR A 133 23.76 -0.88 -27.96
C THR A 133 22.57 -0.64 -28.87
N ALA A 134 22.11 -1.73 -29.50
CA ALA A 134 20.79 -1.73 -30.10
C ALA A 134 19.72 -1.41 -29.08
N THR A 135 19.87 -1.87 -27.85
CA THR A 135 18.76 -1.96 -26.92
C THR A 135 19.16 -1.47 -25.55
N CYS A 136 18.30 -0.66 -24.95
CA CYS A 136 18.39 -0.26 -23.56
C CYS A 136 17.47 -1.13 -22.71
N TRP A 137 17.53 -0.92 -21.40
CA TRP A 137 16.71 -1.62 -20.43
C TRP A 137 15.57 -0.72 -19.98
N SER A 138 14.62 -1.30 -19.25
CA SER A 138 13.66 -0.50 -18.52
C SER A 138 13.43 -1.14 -17.16
N LEU A 139 12.78 -0.38 -16.26
CA LEU A 139 12.77 -0.78 -14.85
C LEU A 139 12.26 -2.19 -14.70
N ASP A 140 11.18 -2.52 -15.39
CA ASP A 140 10.77 -3.90 -15.57
C ASP A 140 10.62 -4.16 -17.05
N PRO A 141 10.90 -5.39 -17.50
CA PRO A 141 11.41 -6.51 -16.72
C PRO A 141 12.93 -6.46 -16.53
N ASP A 142 13.63 -5.80 -17.44
CA ASP A 142 15.08 -5.95 -17.53
C ASP A 142 15.77 -5.62 -16.21
N LEU A 143 15.45 -4.47 -15.63
CA LEU A 143 16.17 -4.05 -14.43
C LEU A 143 15.70 -4.80 -13.18
N THR A 144 14.40 -4.91 -12.96
CA THR A 144 13.94 -5.66 -11.79
C THR A 144 14.50 -7.07 -11.80
N ASN A 145 14.54 -7.72 -12.95
CA ASN A 145 14.94 -9.12 -13.00
C ASN A 145 16.45 -9.29 -12.91
N ILE A 146 17.23 -8.44 -13.56
CA ILE A 146 18.68 -8.53 -13.40
C ILE A 146 19.07 -8.20 -11.97
N LEU A 147 18.45 -7.17 -11.41
CA LEU A 147 18.82 -6.74 -10.07
C LEU A 147 18.49 -7.81 -9.03
N ALA A 148 17.30 -8.39 -9.12
CA ALA A 148 16.93 -9.44 -8.18
C ALA A 148 17.72 -10.72 -8.43
N SER A 149 17.96 -11.05 -9.70
CA SER A 149 18.48 -12.38 -10.00
C SER A 149 19.99 -12.45 -9.88
N SER A 150 20.71 -11.55 -10.54
CA SER A 150 22.16 -11.67 -10.61
C SER A 150 22.78 -11.14 -9.33
N ARG A 151 24.02 -11.59 -9.08
CA ARG A 151 24.71 -11.15 -7.88
C ARG A 151 26.19 -10.85 -8.13
N SER A 152 26.59 -10.62 -9.37
CA SER A 152 27.94 -10.11 -9.64
C SER A 152 27.92 -8.62 -9.33
N TYR A 153 28.68 -8.23 -8.30
CA TYR A 153 28.45 -6.93 -7.67
C TYR A 153 28.48 -5.80 -8.68
N ALA A 154 29.47 -5.78 -9.57
CA ALA A 154 29.55 -4.70 -10.53
C ALA A 154 28.27 -4.61 -11.35
N MET A 155 27.81 -5.73 -11.89
CA MET A 155 26.62 -5.70 -12.72
C MET A 155 25.42 -5.24 -11.90
N LEU A 156 25.32 -5.75 -10.68
CA LEU A 156 24.25 -5.32 -9.79
C LEU A 156 24.36 -3.82 -9.51
N LEU A 157 25.58 -3.32 -9.34
CA LEU A 157 25.77 -1.90 -9.07
C LEU A 157 25.34 -1.06 -10.26
N PHE A 158 25.86 -1.37 -11.43
CA PHE A 158 25.57 -0.55 -12.61
C PHE A 158 24.06 -0.44 -12.82
N ALA A 159 23.35 -1.55 -12.63
CA ALA A 159 21.91 -1.51 -12.80
C ALA A 159 21.26 -0.54 -11.84
N TRP A 160 21.74 -0.50 -10.59
CA TRP A 160 21.17 0.44 -9.64
C TRP A 160 21.62 1.86 -9.95
N GLU A 161 22.89 2.04 -10.31
CA GLU A 161 23.38 3.37 -10.63
C GLU A 161 22.58 3.97 -11.79
N GLY A 162 22.45 3.21 -12.87
CA GLY A 162 21.70 3.70 -14.01
C GLY A 162 20.30 4.13 -13.66
N TRP A 163 19.59 3.33 -12.88
CA TRP A 163 18.19 3.67 -12.61
C TRP A 163 18.06 4.94 -11.79
N HIS A 164 18.68 5.00 -10.61
CA HIS A 164 18.45 6.16 -9.77
C HIS A 164 19.02 7.41 -10.43
N ASN A 165 20.04 7.23 -11.26
CA ASN A 165 20.59 8.35 -12.02
C ASN A 165 19.60 8.82 -13.08
N ALA A 166 19.15 7.91 -13.94
CA ALA A 166 18.26 8.29 -15.04
C ALA A 166 16.88 8.70 -14.55
N ALA A 167 16.32 7.97 -13.60
CA ALA A 167 14.96 8.26 -13.16
C ALA A 167 14.89 9.51 -12.30
N GLY A 168 15.91 9.75 -11.48
CA GLY A 168 15.89 10.90 -10.59
C GLY A 168 16.19 12.24 -11.23
N ILE A 169 17.31 12.34 -11.93
CA ILE A 169 17.84 13.63 -12.36
C ILE A 169 16.79 14.44 -13.10
N PRO A 170 16.20 13.94 -14.18
CA PRO A 170 15.26 14.77 -14.94
C PRO A 170 14.00 15.07 -14.18
N LEU A 171 13.71 14.36 -13.09
CA LEU A 171 12.64 14.79 -12.22
C LEU A 171 13.01 15.98 -11.35
N LYS A 172 14.29 16.16 -11.01
CA LYS A 172 14.66 17.14 -10.00
C LYS A 172 13.99 18.48 -10.25
N PRO A 173 14.02 19.05 -11.46
CA PRO A 173 13.38 20.36 -11.63
C PRO A 173 11.89 20.28 -11.43
N LEU A 174 11.25 19.27 -12.01
CA LEU A 174 9.80 19.19 -11.97
C LEU A 174 9.29 19.08 -10.54
N TYR A 175 9.91 18.22 -9.73
CA TYR A 175 9.34 17.97 -8.41
C TYR A 175 9.30 19.24 -7.57
N GLU A 176 10.27 20.14 -7.74
CA GLU A 176 10.21 21.40 -7.02
C GLU A 176 8.97 22.18 -7.43
N ASP A 177 8.75 22.30 -8.74
CA ASP A 177 7.60 23.05 -9.21
C ASP A 177 6.31 22.42 -8.69
N PHE A 178 6.26 21.10 -8.63
CA PHE A 178 5.08 20.46 -8.08
C PHE A 178 4.88 20.86 -6.63
N THR A 179 5.97 20.87 -5.85
CA THR A 179 5.86 21.16 -4.43
C THR A 179 5.24 22.52 -4.21
N ALA A 180 5.71 23.52 -4.95
CA ALA A 180 5.17 24.86 -4.79
C ALA A 180 3.70 24.87 -5.12
N LEU A 181 3.35 24.36 -6.30
CA LEU A 181 1.97 24.44 -6.75
C LEU A 181 1.06 23.61 -5.86
N SER A 182 1.55 22.44 -5.43
CA SER A 182 0.76 21.58 -4.57
C SER A 182 0.34 22.32 -3.31
N ASN A 183 1.31 22.90 -2.60
CA ASN A 183 1.00 23.56 -1.34
C ASN A 183 0.05 24.71 -1.57
N GLU A 184 0.28 25.48 -2.64
CA GLU A 184 -0.52 26.68 -2.87
C GLU A 184 -2.00 26.36 -2.97
N ALA A 185 -2.33 25.25 -3.63
CA ALA A 185 -3.73 24.88 -3.76
C ALA A 185 -4.34 24.58 -2.39
N TYR A 186 -3.70 23.68 -1.64
CA TYR A 186 -4.25 23.30 -0.34
C TYR A 186 -4.29 24.47 0.63
N LYS A 187 -3.40 25.45 0.47
CA LYS A 187 -3.43 26.61 1.37
C LYS A 187 -4.82 27.21 1.40
N GLN A 188 -5.43 27.36 0.22
CA GLN A 188 -6.77 27.90 0.14
C GLN A 188 -7.78 26.92 0.70
N ASP A 189 -7.47 25.62 0.64
CA ASP A 189 -8.40 24.62 1.14
C ASP A 189 -8.43 24.59 2.67
N GLY A 190 -7.34 24.98 3.33
CA GLY A 190 -7.35 25.08 4.77
C GLY A 190 -6.18 24.42 5.48
N PHE A 191 -5.14 24.07 4.73
CA PHE A 191 -4.00 23.34 5.29
C PHE A 191 -2.73 24.17 5.15
N THR A 192 -1.82 23.99 6.10
CA THR A 192 -0.54 24.69 6.02
C THR A 192 0.22 24.27 4.78
N ASP A 193 0.06 23.02 4.35
CA ASP A 193 0.78 22.51 3.21
C ASP A 193 0.17 21.17 2.83
N THR A 194 0.62 20.64 1.70
CA THR A 194 0.14 19.34 1.26
C THR A 194 0.37 18.26 2.31
N GLY A 195 1.50 18.34 3.01
CA GLY A 195 1.77 17.31 4.01
C GLY A 195 0.77 17.31 5.14
N ALA A 196 0.41 18.48 5.64
CA ALA A 196 -0.62 18.57 6.67
C ALA A 196 -1.99 18.15 6.14
N TYR A 197 -2.21 18.27 4.83
CA TYR A 197 -3.41 17.68 4.24
C TYR A 197 -3.40 16.16 4.31
N TRP A 198 -2.32 15.52 3.88
CA TRP A 198 -2.29 14.06 3.93
C TRP A 198 -2.48 13.55 5.35
N ARG A 199 -1.77 14.15 6.31
CA ARG A 199 -1.95 13.76 7.69
C ARG A 199 -3.36 14.05 8.18
N SER A 200 -4.09 14.93 7.50
CA SER A 200 -5.48 15.19 7.90
C SER A 200 -6.33 13.94 7.82
N TRP A 201 -5.99 12.98 6.96
CA TRP A 201 -6.85 11.82 6.80
C TRP A 201 -6.95 11.00 8.07
N TYR A 202 -5.85 10.88 8.80
CA TYR A 202 -5.83 10.08 10.01
C TYR A 202 -6.41 10.82 11.21
N ASN A 203 -6.80 12.08 11.04
CA ASN A 203 -7.58 12.79 12.06
C ASN A 203 -6.97 12.61 13.45
N SER A 204 -5.66 12.75 13.53
CA SER A 204 -4.93 12.54 14.78
C SER A 204 -3.98 13.72 14.98
N PRO A 205 -4.23 14.60 15.94
CA PRO A 205 -3.33 15.75 16.14
C PRO A 205 -1.89 15.34 16.41
N THR A 206 -1.66 14.16 16.97
CA THR A 206 -0.32 13.72 17.35
C THR A 206 0.24 12.71 16.37
N PHE A 207 -0.31 12.65 15.17
CA PHE A 207 -0.08 11.48 14.31
C PHE A 207 1.40 11.19 14.13
N GLU A 208 2.17 12.18 13.71
CA GLU A 208 3.57 11.92 13.37
C GLU A 208 4.37 11.45 14.58
N ASP A 209 4.04 11.92 15.78
CA ASP A 209 4.71 11.38 16.96
C ASP A 209 4.36 9.92 17.16
N ASP A 210 3.09 9.56 16.95
CA ASP A 210 2.66 8.19 17.16
C ASP A 210 3.50 7.23 16.32
N LEU A 211 3.82 7.62 15.10
CA LEU A 211 4.62 6.75 14.24
C LEU A 211 6.00 6.49 14.83
N GLU A 212 6.67 7.52 15.34
CA GLU A 212 8.00 7.27 15.88
C GLU A 212 7.92 6.37 17.11
N HIS A 213 6.90 6.53 17.93
CA HIS A 213 6.75 5.60 19.05
C HIS A 213 6.52 4.18 18.54
N LEU A 214 5.69 4.02 17.51
CA LEU A 214 5.56 2.70 16.90
C LEU A 214 6.89 2.22 16.37
N TYR A 215 7.53 3.03 15.53
CA TYR A 215 8.72 2.55 14.87
C TYR A 215 9.80 2.21 15.87
N GLN A 216 9.87 2.95 16.98
CA GLN A 216 10.82 2.59 18.03
C GLN A 216 10.50 1.22 18.60
N GLN A 217 9.22 0.82 18.65
CA GLN A 217 8.91 -0.54 19.07
C GLN A 217 9.36 -1.56 18.04
N LEU A 218 9.33 -1.21 16.75
CA LEU A 218 9.79 -2.16 15.74
C LEU A 218 11.29 -2.27 15.70
N GLU A 219 12.00 -1.18 16.00
CA GLU A 219 13.42 -1.14 15.69
C GLU A 219 14.19 -2.32 16.26
N PRO A 220 13.90 -2.81 17.49
CA PRO A 220 14.58 -4.03 17.93
C PRO A 220 14.36 -5.19 16.98
N LEU A 221 13.14 -5.34 16.46
CA LEU A 221 12.92 -6.40 15.49
C LEU A 221 13.64 -6.11 14.19
N TYR A 222 13.50 -4.88 13.68
CA TYR A 222 14.13 -4.57 12.41
C TYR A 222 15.65 -4.67 12.51
N LEU A 223 16.23 -4.08 13.56
CA LEU A 223 17.67 -4.19 13.72
C LEU A 223 18.09 -5.63 13.78
N ASN A 224 17.34 -6.45 14.50
CA ASN A 224 17.67 -7.87 14.58
C ASN A 224 17.69 -8.46 13.18
N LEU A 225 16.67 -8.14 12.38
CA LEU A 225 16.62 -8.65 11.02
C LEU A 225 17.75 -8.06 10.19
N HIS A 226 17.87 -6.73 10.21
CA HIS A 226 18.87 -6.09 9.36
C HIS A 226 20.23 -6.67 9.64
N ALA A 227 20.59 -6.75 10.92
CA ALA A 227 21.92 -7.22 11.28
C ALA A 227 22.12 -8.65 10.79
N PHE A 228 21.07 -9.46 10.84
CA PHE A 228 21.17 -10.82 10.34
C PHE A 228 21.45 -10.84 8.85
N VAL A 229 20.67 -10.10 8.07
CA VAL A 229 20.88 -10.12 6.62
C VAL A 229 22.28 -9.64 6.30
N ARG A 230 22.72 -8.59 6.97
CA ARG A 230 24.01 -7.98 6.67
C ARG A 230 25.13 -9.01 6.74
N ARG A 231 25.08 -9.88 7.73
CA ARG A 231 26.09 -10.92 7.79
C ARG A 231 26.02 -11.82 6.58
N ALA A 232 24.82 -12.23 6.19
CA ALA A 232 24.70 -13.15 5.07
C ALA A 232 25.35 -12.56 3.82
N LEU A 233 25.11 -11.28 3.55
CA LEU A 233 25.72 -10.67 2.39
C LEU A 233 27.23 -10.68 2.50
N HIS A 234 27.76 -10.51 3.71
CA HIS A 234 29.20 -10.53 3.86
C HIS A 234 29.78 -11.85 3.40
N ARG A 235 29.07 -12.95 3.67
CA ARG A 235 29.54 -14.25 3.19
C ARG A 235 29.66 -14.24 1.67
N ARG A 236 28.72 -13.58 1.01
CA ARG A 236 28.61 -13.69 -0.45
C ARG A 236 29.63 -12.80 -1.16
N TYR A 237 29.64 -11.51 -0.85
CA TYR A 237 30.27 -10.54 -1.72
C TYR A 237 31.74 -10.29 -1.40
N GLY A 238 32.12 -10.40 -0.13
CA GLY A 238 33.49 -10.17 0.28
C GLY A 238 33.57 -9.14 1.38
N ASP A 239 34.76 -9.06 1.97
CA ASP A 239 34.96 -8.07 3.03
C ASP A 239 35.12 -6.67 2.47
N ARG A 240 35.56 -6.56 1.22
CA ARG A 240 35.75 -5.25 0.60
C ARG A 240 34.45 -4.49 0.49
N TYR A 241 33.34 -5.17 0.23
CA TYR A 241 32.10 -4.51 -0.15
C TYR A 241 31.01 -4.62 0.90
N ILE A 242 31.30 -5.18 2.05
CA ILE A 242 30.35 -5.13 3.15
C ILE A 242 31.11 -4.86 4.43
N ASN A 243 30.48 -4.13 5.33
CA ASN A 243 31.06 -3.80 6.63
C ASN A 243 30.11 -4.33 7.67
N LEU A 244 30.57 -5.31 8.43
CA LEU A 244 29.69 -6.00 9.36
C LEU A 244 29.18 -5.06 10.43
N ARG A 245 29.79 -3.89 10.58
CA ARG A 245 29.33 -2.84 11.46
C ARG A 245 28.58 -1.74 10.70
N GLY A 246 29.02 -1.42 9.50
CA GLY A 246 28.45 -0.33 8.75
C GLY A 246 27.04 -0.61 8.28
N PRO A 247 26.48 0.33 7.53
CA PRO A 247 25.23 0.08 6.83
C PRO A 247 25.45 -0.77 5.59
N ILE A 248 24.34 -1.20 4.99
CA ILE A 248 24.34 -2.06 3.81
C ILE A 248 24.28 -1.23 2.53
N PRO A 249 25.09 -1.54 1.52
CA PRO A 249 24.94 -0.87 0.23
C PRO A 249 23.55 -1.11 -0.35
N ALA A 250 22.92 -0.03 -0.82
CA ALA A 250 21.49 -0.08 -1.08
C ALA A 250 21.12 -1.09 -2.17
N HIS A 251 22.04 -1.40 -3.07
CA HIS A 251 21.66 -2.21 -4.23
C HIS A 251 21.84 -3.70 -4.02
N LEU A 252 22.49 -4.12 -2.94
CA LEU A 252 22.69 -5.54 -2.74
C LEU A 252 21.45 -6.25 -2.22
N LEU A 253 20.44 -5.50 -1.80
CA LEU A 253 19.32 -6.10 -1.11
C LEU A 253 18.29 -6.66 -2.05
N GLY A 254 18.63 -6.85 -3.32
CA GLY A 254 17.83 -7.65 -4.20
C GLY A 254 16.63 -6.95 -4.78
N ASP A 255 16.43 -5.68 -4.49
CA ASP A 255 15.29 -4.92 -4.99
C ASP A 255 15.72 -3.50 -5.29
N MET A 256 15.18 -2.94 -6.37
CA MET A 256 15.69 -1.67 -6.88
C MET A 256 15.61 -0.59 -5.83
N TRP A 257 14.64 -0.65 -4.95
CA TRP A 257 14.47 0.36 -3.92
C TRP A 257 14.80 -0.19 -2.55
N ALA A 258 15.27 -1.44 -2.49
CA ALA A 258 15.49 -2.12 -1.23
C ALA A 258 14.30 -2.00 -0.29
N GLN A 259 13.09 -1.88 -0.83
CA GLN A 259 11.94 -1.75 0.05
C GLN A 259 11.45 -3.10 0.57
N SER A 260 11.76 -4.18 -0.14
CA SER A 260 11.48 -5.52 0.34
C SER A 260 12.52 -6.46 -0.22
N TRP A 261 13.14 -7.28 0.62
CA TRP A 261 14.39 -7.93 0.27
C TRP A 261 14.20 -9.39 -0.14
N GLU A 262 12.97 -9.79 -0.46
CA GLU A 262 12.69 -11.22 -0.46
C GLU A 262 13.56 -11.96 -1.47
N ASN A 263 14.04 -11.27 -2.49
CA ASN A 263 14.90 -11.89 -3.48
C ASN A 263 16.26 -12.30 -2.93
N ILE A 264 16.58 -11.99 -1.67
CA ILE A 264 17.72 -12.62 -1.02
C ILE A 264 17.29 -13.72 -0.07
N TYR A 265 15.99 -13.97 0.06
CA TYR A 265 15.54 -15.11 0.84
C TYR A 265 16.14 -16.40 0.28
N ASP A 266 16.27 -16.49 -1.04
CA ASP A 266 16.95 -17.62 -1.64
C ASP A 266 18.37 -17.78 -1.13
N MET A 267 19.01 -16.70 -0.73
CA MET A 267 20.39 -16.76 -0.24
C MET A 267 20.47 -16.95 1.27
N VAL A 268 19.44 -16.57 2.01
CA VAL A 268 19.52 -16.45 3.46
C VAL A 268 18.72 -17.52 4.19
N VAL A 269 17.77 -18.18 3.54
CA VAL A 269 16.69 -18.91 4.18
C VAL A 269 17.17 -19.84 5.30
N PRO A 270 16.57 -19.78 6.48
CA PRO A 270 16.88 -20.75 7.53
C PRO A 270 16.49 -22.17 7.14
N PHE A 271 17.12 -23.13 7.81
CA PHE A 271 16.82 -24.54 7.66
C PHE A 271 16.70 -24.96 6.20
N PRO A 272 17.81 -24.91 5.45
CA PRO A 272 17.73 -25.19 4.01
C PRO A 272 17.27 -26.61 3.68
N ASP A 273 17.20 -27.51 4.66
CA ASP A 273 16.77 -28.87 4.36
C ASP A 273 15.25 -29.01 4.32
N LYS A 274 14.52 -28.19 5.06
CA LYS A 274 13.07 -28.22 4.96
C LYS A 274 12.60 -27.64 3.63
N PRO A 275 11.45 -28.07 3.15
CA PRO A 275 10.79 -27.38 2.03
C PRO A 275 10.07 -26.15 2.54
N ASN A 276 9.45 -25.43 1.60
CA ASN A 276 8.36 -24.52 1.92
C ASN A 276 7.10 -25.04 1.24
N LEU A 277 6.03 -25.18 2.02
CA LEU A 277 4.85 -25.92 1.59
C LEU A 277 4.17 -25.26 0.39
N ASP A 278 3.94 -26.05 -0.65
CA ASP A 278 3.07 -25.68 -1.76
C ASP A 278 1.95 -26.70 -1.89
N VAL A 279 0.71 -26.24 -1.70
CA VAL A 279 -0.46 -27.11 -1.76
C VAL A 279 -1.06 -27.17 -3.16
N THR A 280 -0.45 -26.51 -4.13
CA THR A 280 -0.95 -26.54 -5.50
C THR A 280 -1.24 -27.96 -5.97
N SER A 281 -0.34 -28.90 -5.67
CA SER A 281 -0.49 -30.25 -6.20
C SER A 281 -1.82 -30.89 -5.80
N THR A 282 -2.30 -30.61 -4.58
CA THR A 282 -3.65 -31.06 -4.26
C THR A 282 -4.68 -30.32 -5.09
N MET A 283 -4.49 -29.01 -5.24
CA MET A 283 -5.55 -28.18 -5.78
C MET A 283 -5.83 -28.55 -7.22
N LEU A 284 -4.77 -28.74 -8.02
CA LEU A 284 -4.97 -29.23 -9.39
C LEU A 284 -5.58 -30.62 -9.38
N GLN A 285 -5.04 -31.50 -8.54
CA GLN A 285 -5.57 -32.85 -8.41
C GLN A 285 -7.03 -32.86 -8.00
N GLN A 286 -7.48 -31.87 -7.25
CA GLN A 286 -8.88 -31.80 -6.89
C GLN A 286 -9.77 -31.36 -8.04
N GLY A 287 -9.18 -30.92 -9.16
CA GLY A 287 -9.98 -30.25 -10.17
C GLY A 287 -10.55 -28.93 -9.70
N TRP A 288 -9.82 -28.22 -8.84
CA TRP A 288 -10.18 -26.85 -8.54
C TRP A 288 -9.99 -25.97 -9.77
N ASN A 289 -10.89 -25.02 -9.94
CA ASN A 289 -10.76 -24.04 -11.01
C ASN A 289 -11.09 -22.67 -10.45
N ALA A 290 -10.72 -21.64 -11.20
CA ALA A 290 -10.88 -20.27 -10.71
C ALA A 290 -12.30 -20.00 -10.25
N THR A 291 -13.28 -20.34 -11.08
CA THR A 291 -14.65 -20.06 -10.72
C THR A 291 -15.01 -20.72 -9.38
N HIS A 292 -14.55 -21.93 -9.16
CA HIS A 292 -14.85 -22.59 -7.89
C HIS A 292 -14.17 -21.91 -6.72
N MET A 293 -12.95 -21.41 -6.92
CA MET A 293 -12.18 -20.89 -5.79
C MET A 293 -12.95 -19.82 -5.04
N PHE A 294 -13.57 -18.88 -5.75
CA PHE A 294 -14.26 -17.80 -5.06
C PHE A 294 -15.41 -18.34 -4.20
N ARG A 295 -16.04 -19.43 -4.63
CA ARG A 295 -17.07 -20.03 -3.79
C ARG A 295 -16.48 -20.55 -2.49
N VAL A 296 -15.23 -20.99 -2.51
CA VAL A 296 -14.54 -21.27 -1.27
C VAL A 296 -14.32 -19.98 -0.49
N ALA A 297 -13.87 -18.93 -1.17
CA ALA A 297 -13.69 -17.66 -0.48
C ALA A 297 -15.00 -17.19 0.11
N GLU A 298 -16.07 -17.24 -0.68
CA GLU A 298 -17.38 -16.86 -0.15
C GLU A 298 -17.78 -17.77 1.00
N GLU A 299 -17.45 -19.06 0.89
CA GLU A 299 -17.74 -19.99 1.97
C GLU A 299 -17.17 -19.45 3.27
N PHE A 300 -15.91 -19.00 3.23
CA PHE A 300 -15.28 -18.46 4.41
C PHE A 300 -16.11 -17.33 5.02
N PHE A 301 -16.48 -16.35 4.20
CA PHE A 301 -17.24 -15.22 4.72
C PHE A 301 -18.62 -15.66 5.16
N THR A 302 -19.26 -16.56 4.41
CA THR A 302 -20.54 -17.07 4.87
C THR A 302 -20.36 -17.81 6.17
N SER A 303 -19.21 -18.47 6.33
CA SER A 303 -18.95 -19.17 7.58
C SER A 303 -18.82 -18.20 8.74
N LEU A 304 -18.36 -16.98 8.47
CA LEU A 304 -18.41 -15.92 9.46
C LEU A 304 -19.78 -15.25 9.53
N GLU A 305 -20.75 -15.71 8.75
CA GLU A 305 -22.05 -15.06 8.66
C GLU A 305 -21.93 -13.60 8.24
N LEU A 306 -20.84 -13.24 7.58
CA LEU A 306 -20.81 -12.04 6.76
C LEU A 306 -21.67 -12.26 5.52
N SER A 307 -21.85 -11.20 4.76
CA SER A 307 -22.81 -11.32 3.65
C SER A 307 -22.22 -12.12 2.51
N PRO A 308 -22.98 -13.03 1.90
CA PRO A 308 -22.57 -13.65 0.65
C PRO A 308 -22.49 -12.63 -0.48
N MET A 309 -21.77 -13.00 -1.53
CA MET A 309 -21.69 -12.11 -2.70
C MET A 309 -23.07 -12.03 -3.34
N PRO A 310 -23.58 -10.85 -3.66
CA PRO A 310 -24.88 -10.77 -4.31
C PRO A 310 -24.84 -11.35 -5.70
N PRO A 311 -25.99 -11.77 -6.24
CA PRO A 311 -26.00 -12.36 -7.59
C PRO A 311 -25.30 -11.51 -8.64
N GLU A 312 -25.41 -10.18 -8.53
CA GLU A 312 -24.75 -9.30 -9.49
C GLU A 312 -23.25 -9.57 -9.55
N PHE A 313 -22.66 -9.91 -8.42
CA PHE A 313 -21.21 -10.11 -8.39
C PHE A 313 -20.83 -11.29 -9.28
N TRP A 314 -21.63 -12.35 -9.25
CA TRP A 314 -21.32 -13.52 -10.07
C TRP A 314 -21.62 -13.24 -11.54
N GLU A 315 -22.63 -12.44 -11.84
CA GLU A 315 -22.89 -12.07 -13.22
C GLU A 315 -21.77 -11.22 -13.80
N GLY A 316 -21.32 -10.21 -13.07
CA GLY A 316 -20.37 -9.26 -13.60
C GLY A 316 -18.90 -9.66 -13.59
N SER A 317 -18.42 -10.25 -12.51
CA SER A 317 -16.99 -10.29 -12.27
C SER A 317 -16.23 -11.01 -13.37
N MET A 318 -14.99 -10.56 -13.57
CA MET A 318 -14.05 -11.24 -14.46
C MET A 318 -13.12 -12.12 -13.63
N LEU A 319 -13.69 -13.20 -13.11
CA LEU A 319 -12.91 -14.11 -12.29
C LEU A 319 -11.85 -14.82 -13.12
N GLU A 320 -12.27 -15.40 -14.24
CA GLU A 320 -11.37 -16.06 -15.16
C GLU A 320 -10.75 -15.08 -16.15
N LYS A 321 -9.60 -15.48 -16.70
CA LYS A 321 -9.04 -14.84 -17.88
C LYS A 321 -10.07 -14.87 -19.00
N PRO A 322 -10.11 -13.84 -19.86
CA PRO A 322 -11.12 -13.82 -20.92
C PRO A 322 -10.92 -14.93 -21.94
N ALA A 323 -12.01 -15.26 -22.62
CA ALA A 323 -11.96 -16.19 -23.73
C ALA A 323 -11.37 -15.56 -24.99
N ASP A 324 -11.52 -14.26 -25.15
CA ASP A 324 -10.96 -13.56 -26.30
C ASP A 324 -9.44 -13.47 -26.16
N GLY A 325 -8.79 -13.18 -27.29
CA GLY A 325 -7.39 -12.85 -27.32
C GLY A 325 -7.09 -11.41 -26.92
N ARG A 326 -8.12 -10.68 -26.49
CA ARG A 326 -7.98 -9.26 -26.21
C ARG A 326 -7.01 -9.01 -25.06
N GLU A 327 -6.37 -7.85 -25.10
CA GLU A 327 -5.44 -7.47 -24.06
C GLU A 327 -6.15 -6.91 -22.83
N VAL A 328 -5.65 -7.28 -21.65
CA VAL A 328 -6.28 -6.96 -20.38
C VAL A 328 -5.19 -6.75 -19.35
N VAL A 329 -5.45 -5.86 -18.40
CA VAL A 329 -4.56 -5.73 -17.24
C VAL A 329 -4.84 -6.90 -16.31
N CYS A 330 -3.90 -7.86 -16.27
CA CYS A 330 -4.10 -9.09 -15.51
C CYS A 330 -4.02 -8.87 -14.01
N HIS A 331 -3.25 -7.89 -13.56
CA HIS A 331 -3.12 -7.64 -12.13
C HIS A 331 -4.49 -7.60 -11.44
N ALA A 332 -4.60 -8.33 -10.34
CA ALA A 332 -5.89 -8.54 -9.71
C ALA A 332 -6.35 -7.30 -8.98
N SER A 333 -7.64 -6.98 -9.12
CA SER A 333 -8.21 -5.78 -8.52
C SER A 333 -9.66 -6.04 -8.20
N ALA A 334 -10.16 -5.33 -7.19
CA ALA A 334 -11.52 -5.46 -6.70
C ALA A 334 -12.20 -4.12 -6.77
N TRP A 335 -13.45 -4.10 -7.25
CA TRP A 335 -14.12 -2.86 -7.60
C TRP A 335 -15.43 -2.71 -6.84
N ASP A 336 -15.69 -1.48 -6.41
CA ASP A 336 -16.99 -1.06 -5.92
C ASP A 336 -17.53 -0.02 -6.89
N PHE A 337 -18.67 -0.30 -7.48
CA PHE A 337 -19.39 0.73 -8.21
C PHE A 337 -20.36 1.35 -7.24
N TYR A 338 -20.31 2.68 -7.12
CA TYR A 338 -21.08 3.28 -6.05
C TYR A 338 -22.56 3.08 -6.25
N ASN A 339 -22.96 2.54 -7.40
CA ASN A 339 -24.29 1.97 -7.52
C ASN A 339 -24.44 0.80 -6.56
N ARG A 340 -25.38 0.94 -5.63
CA ARG A 340 -25.50 0.01 -4.52
C ARG A 340 -25.61 -1.45 -4.93
N LYS A 341 -26.06 -1.76 -6.14
CA LYS A 341 -26.38 -3.15 -6.47
C LYS A 341 -25.18 -4.00 -6.87
N ASP A 342 -24.21 -3.48 -7.60
CA ASP A 342 -23.23 -4.37 -8.22
C ASP A 342 -21.80 -4.03 -7.83
N PHE A 343 -21.10 -5.06 -7.35
CA PHE A 343 -19.70 -5.02 -6.96
C PHE A 343 -18.97 -6.02 -7.84
N ARG A 344 -17.69 -5.80 -8.07
CA ARG A 344 -17.05 -6.44 -9.20
C ARG A 344 -15.61 -6.76 -8.85
N ILE A 345 -15.14 -7.93 -9.29
CA ILE A 345 -13.73 -8.29 -9.18
C ILE A 345 -13.14 -8.59 -10.54
N LYS A 346 -11.87 -8.25 -10.69
CA LYS A 346 -11.01 -8.65 -11.80
C LYS A 346 -9.80 -9.35 -11.20
N GLN A 347 -9.62 -10.63 -11.51
CA GLN A 347 -8.54 -11.39 -10.89
C GLN A 347 -7.61 -12.10 -11.85
N CYS A 348 -8.02 -12.41 -13.07
CA CYS A 348 -7.11 -13.07 -14.00
C CYS A 348 -6.56 -14.35 -13.38
N THR A 349 -7.43 -15.06 -12.67
CA THR A 349 -7.00 -16.12 -11.75
C THR A 349 -6.19 -17.21 -12.44
N ARG A 350 -5.08 -17.56 -11.82
CA ARG A 350 -4.36 -18.80 -12.10
C ARG A 350 -4.40 -19.63 -10.82
N VAL A 351 -4.85 -20.88 -10.94
CA VAL A 351 -5.08 -21.69 -9.75
C VAL A 351 -3.76 -22.17 -9.19
N THR A 352 -3.26 -21.46 -8.18
CA THR A 352 -2.06 -21.82 -7.44
C THR A 352 -2.28 -21.46 -5.98
N MET A 353 -1.51 -22.08 -5.10
CA MET A 353 -1.66 -21.78 -3.68
C MET A 353 -1.53 -20.29 -3.44
N ASP A 354 -0.59 -19.64 -4.13
CA ASP A 354 -0.38 -18.22 -3.93
C ASP A 354 -1.61 -17.42 -4.29
N GLN A 355 -2.17 -17.65 -5.47
CA GLN A 355 -3.35 -16.89 -5.86
C GLN A 355 -4.58 -17.27 -5.05
N LEU A 356 -4.66 -18.50 -4.55
CA LEU A 356 -5.71 -18.79 -3.60
C LEU A 356 -5.67 -17.79 -2.45
N SER A 357 -4.50 -17.62 -1.84
CA SER A 357 -4.39 -16.62 -0.79
C SER A 357 -4.76 -15.25 -1.31
N THR A 358 -4.30 -14.92 -2.52
CA THR A 358 -4.51 -13.59 -3.06
C THR A 358 -5.99 -13.31 -3.23
N VAL A 359 -6.75 -14.29 -3.70
CA VAL A 359 -8.18 -14.10 -3.88
C VAL A 359 -8.86 -13.72 -2.57
N HIS A 360 -8.42 -14.31 -1.46
CA HIS A 360 -9.12 -14.04 -0.21
C HIS A 360 -9.06 -12.57 0.18
N HIS A 361 -7.90 -11.92 0.10
CA HIS A 361 -7.93 -10.50 0.41
C HIS A 361 -8.72 -9.73 -0.65
N GLU A 362 -8.61 -10.10 -1.92
CA GLU A 362 -9.39 -9.35 -2.91
C GLU A 362 -10.86 -9.49 -2.62
N MET A 363 -11.33 -10.69 -2.28
CA MET A 363 -12.71 -10.80 -1.87
C MET A 363 -12.92 -10.08 -0.55
N GLY A 364 -11.89 -10.00 0.28
CA GLY A 364 -12.04 -9.27 1.52
C GLY A 364 -12.49 -7.85 1.27
N HIS A 365 -11.89 -7.20 0.29
CA HIS A 365 -12.33 -5.85 -0.04
C HIS A 365 -13.81 -5.86 -0.39
N ILE A 366 -14.23 -6.80 -1.23
CA ILE A 366 -15.64 -6.86 -1.61
C ILE A 366 -16.53 -6.99 -0.39
N GLN A 367 -16.15 -7.85 0.55
CA GLN A 367 -16.96 -7.92 1.75
C GLN A 367 -16.99 -6.57 2.44
N TYR A 368 -15.87 -5.86 2.44
CA TYR A 368 -15.86 -4.55 3.07
C TYR A 368 -16.83 -3.62 2.35
N TYR A 369 -16.78 -3.59 1.02
CA TYR A 369 -17.70 -2.73 0.29
C TYR A 369 -19.14 -3.10 0.58
N LEU A 370 -19.45 -4.39 0.57
CA LEU A 370 -20.82 -4.81 0.81
C LEU A 370 -21.36 -4.26 2.12
N GLN A 371 -20.53 -4.21 3.16
CA GLN A 371 -21.05 -3.81 4.46
C GLN A 371 -21.36 -2.32 4.57
N TYR A 372 -20.62 -1.45 3.89
CA TYR A 372 -20.86 -0.02 4.05
C TYR A 372 -21.63 0.59 2.90
N LYS A 373 -22.13 -0.22 1.97
CA LYS A 373 -22.94 0.31 0.88
C LYS A 373 -24.12 1.14 1.38
N ASP A 374 -24.52 0.98 2.62
CA ASP A 374 -25.70 1.66 3.13
C ASP A 374 -25.44 3.11 3.52
N LEU A 375 -24.19 3.52 3.66
CA LEU A 375 -23.87 4.87 4.04
C LEU A 375 -24.11 5.85 2.89
N PRO A 376 -24.30 7.13 3.20
CA PRO A 376 -24.27 8.13 2.13
C PRO A 376 -22.90 8.18 1.48
N VAL A 377 -22.91 8.26 0.14
CA VAL A 377 -21.72 8.01 -0.68
C VAL A 377 -20.49 8.79 -0.22
N SER A 378 -20.67 9.95 0.39
CA SER A 378 -19.49 10.69 0.82
C SER A 378 -18.66 9.92 1.84
N LEU A 379 -19.28 8.97 2.55
CA LEU A 379 -18.60 8.29 3.64
C LEU A 379 -18.12 6.90 3.28
N ARG A 380 -18.35 6.44 2.06
CA ARG A 380 -18.15 5.05 1.73
C ARG A 380 -16.69 4.81 1.37
N ARG A 381 -15.86 4.89 2.41
CA ARG A 381 -14.43 4.70 2.30
C ARG A 381 -13.95 4.13 3.63
N GLY A 382 -12.73 3.61 3.64
CA GLY A 382 -12.23 2.98 4.84
C GLY A 382 -12.13 3.97 5.98
N ALA A 383 -12.25 3.45 7.20
CA ALA A 383 -12.30 4.33 8.36
C ALA A 383 -11.12 5.28 8.37
N ASN A 384 -9.96 4.81 7.96
CA ASN A 384 -8.92 5.68 7.43
C ASN A 384 -8.27 5.00 6.24
N PRO A 385 -7.48 5.73 5.45
CA PRO A 385 -7.10 5.21 4.12
C PRO A 385 -6.24 3.97 4.15
N GLY A 386 -5.52 3.71 5.24
CA GLY A 386 -4.81 2.46 5.37
C GLY A 386 -5.65 1.36 5.95
N PHE A 387 -6.79 1.75 6.52
CA PHE A 387 -7.66 0.86 7.25
C PHE A 387 -8.35 -0.13 6.34
N HIS A 388 -8.63 0.27 5.11
CA HIS A 388 -9.25 -0.63 4.15
C HIS A 388 -8.36 -1.81 3.77
N GLU A 389 -7.08 -1.56 3.46
CA GLU A 389 -6.19 -2.70 3.19
C GLU A 389 -5.97 -3.59 4.39
N ALA A 390 -6.07 -3.07 5.61
CA ALA A 390 -5.90 -3.97 6.75
C ALA A 390 -7.01 -5.00 6.78
N ILE A 391 -8.25 -4.57 6.70
CA ILE A 391 -9.37 -5.50 6.65
C ILE A 391 -9.22 -6.47 5.49
N GLY A 392 -8.59 -6.02 4.40
CA GLY A 392 -8.24 -6.95 3.34
C GLY A 392 -7.24 -7.99 3.77
N ASP A 393 -6.16 -7.58 4.44
CA ASP A 393 -5.08 -8.52 4.74
C ASP A 393 -5.38 -9.49 5.87
N VAL A 394 -6.12 -9.08 6.91
CA VAL A 394 -6.30 -10.01 8.02
C VAL A 394 -6.87 -11.32 7.51
N LEU A 395 -7.68 -11.25 6.46
CA LEU A 395 -8.26 -12.48 5.92
C LEU A 395 -7.19 -13.35 5.26
N ALA A 396 -6.33 -12.76 4.44
CA ALA A 396 -5.31 -13.55 3.77
C ALA A 396 -4.36 -14.18 4.77
N LEU A 397 -4.07 -13.49 5.87
CA LEU A 397 -3.20 -14.06 6.90
C LEU A 397 -3.74 -15.39 7.37
N SER A 398 -4.99 -15.39 7.83
CA SER A 398 -5.59 -16.61 8.37
C SER A 398 -5.54 -17.76 7.39
N VAL A 399 -6.03 -17.56 6.17
CA VAL A 399 -6.12 -18.66 5.22
C VAL A 399 -4.77 -19.09 4.68
N SER A 400 -3.75 -18.25 4.75
CA SER A 400 -2.44 -18.66 4.26
C SER A 400 -1.85 -19.80 5.08
N THR A 401 -2.35 -20.02 6.28
CA THR A 401 -1.78 -21.02 7.17
C THR A 401 -2.00 -22.43 6.64
N PRO A 402 -1.16 -23.38 7.05
CA PRO A 402 -1.48 -24.79 6.79
C PRO A 402 -2.70 -25.25 7.56
N GLU A 403 -2.90 -24.68 8.75
CA GLU A 403 -4.07 -25.03 9.55
C GLU A 403 -5.37 -24.84 8.78
N HIS A 404 -5.57 -23.66 8.20
CA HIS A 404 -6.80 -23.44 7.44
C HIS A 404 -6.86 -24.27 6.18
N LEU A 405 -5.76 -24.41 5.46
CA LEU A 405 -5.80 -25.22 4.26
C LEU A 405 -6.29 -26.63 4.55
N HIS A 406 -6.05 -27.12 5.76
CA HIS A 406 -6.57 -28.43 6.13
C HIS A 406 -8.09 -28.41 6.33
N LYS A 407 -8.62 -27.31 6.84
CA LYS A 407 -10.08 -27.20 6.94
C LYS A 407 -10.70 -26.97 5.57
N ILE A 408 -9.95 -26.35 4.65
CA ILE A 408 -10.35 -26.32 3.25
C ILE A 408 -10.24 -27.70 2.62
N GLY A 409 -9.55 -28.63 3.27
CA GLY A 409 -9.33 -29.94 2.70
C GLY A 409 -8.27 -29.99 1.63
N LEU A 410 -7.65 -28.86 1.30
CA LEU A 410 -6.56 -28.87 0.34
C LEU A 410 -5.28 -29.46 0.90
N LEU A 411 -5.12 -29.49 2.22
CA LEU A 411 -3.94 -30.06 2.86
C LEU A 411 -4.27 -31.36 3.56
N ASP A 412 -3.36 -32.33 3.41
CA ASP A 412 -3.63 -33.70 3.84
C ASP A 412 -3.47 -33.87 5.35
N ARG A 413 -2.32 -33.49 5.90
CA ARG A 413 -2.14 -33.46 7.34
C ARG A 413 -1.35 -32.23 7.77
N VAL A 414 -1.73 -31.66 8.91
CA VAL A 414 -0.94 -30.61 9.53
C VAL A 414 0.39 -31.17 9.99
N THR A 415 1.46 -30.38 9.82
CA THR A 415 2.82 -30.77 10.18
C THR A 415 3.44 -29.66 11.02
N ASN A 416 3.31 -29.77 12.33
CA ASN A 416 3.73 -28.74 13.27
C ASN A 416 5.23 -28.86 13.54
N ASP A 417 6.02 -28.40 12.57
CA ASP A 417 7.47 -28.30 12.72
C ASP A 417 7.88 -26.83 12.70
N THR A 418 8.55 -26.39 13.76
CA THR A 418 8.93 -24.99 13.85
C THR A 418 9.93 -24.60 12.79
N GLU A 419 10.82 -25.52 12.37
CA GLU A 419 11.76 -25.16 11.33
C GLU A 419 11.02 -24.75 10.07
N SER A 420 9.89 -25.38 9.80
CA SER A 420 9.11 -25.01 8.62
C SER A 420 8.45 -23.66 8.82
N ASP A 421 7.74 -23.48 9.93
CA ASP A 421 7.01 -22.23 10.11
C ASP A 421 7.93 -21.04 10.38
N ILE A 422 9.14 -21.26 10.91
CA ILE A 422 10.13 -20.19 10.89
C ILE A 422 10.41 -19.75 9.46
N ASN A 423 10.60 -20.70 8.55
CA ASN A 423 10.81 -20.33 7.16
C ASN A 423 9.70 -19.42 6.69
N TYR A 424 8.46 -19.75 7.05
CA TYR A 424 7.33 -18.95 6.62
C TYR A 424 7.34 -17.58 7.26
N LEU A 425 7.52 -17.51 8.58
CA LEU A 425 7.58 -16.20 9.22
C LEU A 425 8.75 -15.39 8.69
N LEU A 426 9.89 -16.02 8.43
CA LEU A 426 11.04 -15.23 8.00
C LEU A 426 10.83 -14.65 6.61
N LYS A 427 10.32 -15.43 5.67
CA LYS A 427 10.08 -14.85 4.36
C LYS A 427 9.09 -13.71 4.45
N MET A 428 8.04 -13.87 5.27
CA MET A 428 7.13 -12.76 5.47
C MET A 428 7.81 -11.56 6.10
N ALA A 429 8.78 -11.81 6.99
CA ALA A 429 9.53 -10.70 7.56
C ALA A 429 10.33 -9.97 6.49
N LEU A 430 11.05 -10.73 5.66
CA LEU A 430 11.82 -10.10 4.59
C LEU A 430 10.92 -9.39 3.59
N GLU A 431 9.65 -9.75 3.51
CA GLU A 431 8.69 -9.01 2.70
C GLU A 431 8.21 -7.74 3.36
N LYS A 432 7.60 -7.85 4.53
CA LYS A 432 6.86 -6.74 5.10
C LYS A 432 7.60 -5.96 6.17
N ILE A 433 8.40 -6.59 7.02
CA ILE A 433 9.09 -5.79 8.03
C ILE A 433 10.12 -4.89 7.37
N ALA A 434 10.88 -5.42 6.41
CA ALA A 434 11.78 -4.55 5.66
C ALA A 434 11.06 -3.37 5.05
N PHE A 435 9.77 -3.51 4.77
CA PHE A 435 9.01 -2.39 4.21
C PHE A 435 8.69 -1.31 5.23
N LEU A 436 8.46 -1.65 6.50
CA LEU A 436 8.03 -0.64 7.45
C LEU A 436 8.99 0.55 7.54
N PRO A 437 10.28 0.37 7.77
CA PRO A 437 11.14 1.55 7.81
C PRO A 437 11.11 2.32 6.51
N PHE A 438 11.10 1.62 5.37
CA PHE A 438 11.07 2.34 4.10
C PHE A 438 9.76 3.11 3.97
N GLY A 439 8.63 2.46 4.21
CA GLY A 439 7.37 3.15 4.13
C GLY A 439 7.30 4.33 5.07
N TYR A 440 7.96 4.22 6.23
CA TYR A 440 7.96 5.35 7.14
C TYR A 440 8.82 6.49 6.66
N LEU A 441 10.02 6.20 6.12
CA LEU A 441 10.92 7.30 5.82
C LEU A 441 10.44 8.14 4.65
N VAL A 442 9.73 7.54 3.69
CA VAL A 442 9.32 8.32 2.53
C VAL A 442 8.39 9.46 2.93
N ASP A 443 7.32 9.15 3.66
CA ASP A 443 6.38 10.21 3.99
C ASP A 443 6.85 11.12 5.11
N GLN A 444 7.85 10.72 5.90
CA GLN A 444 8.58 11.75 6.63
C GLN A 444 9.35 12.63 5.67
N TRP A 445 9.99 12.04 4.67
CA TRP A 445 10.77 12.84 3.73
C TRP A 445 9.89 13.81 2.96
N ARG A 446 8.78 13.32 2.40
CA ARG A 446 7.90 14.21 1.67
C ARG A 446 7.28 15.27 2.59
N TRP A 447 6.88 14.88 3.79
CA TRP A 447 6.43 15.91 4.72
C TRP A 447 7.52 16.95 4.91
N GLY A 448 8.78 16.52 4.89
CA GLY A 448 9.86 17.47 4.98
C GLY A 448 9.86 18.45 3.83
N VAL A 449 9.59 17.97 2.61
CA VAL A 449 9.50 18.87 1.47
C VAL A 449 8.25 19.75 1.55
N PHE A 450 7.08 19.16 1.79
CA PHE A 450 5.88 19.99 1.78
C PHE A 450 5.87 21.01 2.90
N SER A 451 6.44 20.68 4.06
CA SER A 451 6.60 21.70 5.08
C SER A 451 7.68 22.70 4.72
N GLY A 452 8.51 22.39 3.73
CA GLY A 452 9.62 23.24 3.34
C GLY A 452 10.89 23.00 4.11
N ARG A 453 10.85 22.21 5.18
CA ARG A 453 12.06 21.98 5.97
C ARG A 453 13.17 21.36 5.13
N THR A 454 12.83 20.69 4.03
CA THR A 454 13.82 20.29 3.02
C THR A 454 13.65 21.21 1.83
N PRO A 455 14.33 22.35 1.79
CA PRO A 455 14.33 23.14 0.59
C PRO A 455 15.04 22.40 -0.53
N PRO A 456 14.85 22.84 -1.78
CA PRO A 456 15.34 22.07 -2.92
C PRO A 456 16.80 21.69 -2.85
N SER A 457 17.65 22.52 -2.26
CA SER A 457 19.05 22.13 -2.16
C SER A 457 19.30 20.97 -1.23
N ARG A 458 18.28 20.45 -0.54
CA ARG A 458 18.46 19.33 0.38
C ARG A 458 17.62 18.12 0.02
N TYR A 459 16.94 18.11 -1.13
CA TYR A 459 16.12 16.96 -1.49
C TYR A 459 16.91 15.67 -1.38
N ASN A 460 18.10 15.64 -1.94
CA ASN A 460 18.86 14.39 -1.94
C ASN A 460 19.57 14.15 -0.62
N PHE A 461 20.12 15.20 -0.01
CA PHE A 461 20.79 15.03 1.28
C PHE A 461 19.82 14.52 2.34
N ASP A 462 18.66 15.16 2.50
CA ASP A 462 17.71 14.68 3.51
C ASP A 462 17.23 13.28 3.20
N TRP A 463 17.19 12.89 1.94
CA TRP A 463 16.79 11.54 1.62
C TRP A 463 17.77 10.51 2.17
N TRP A 464 19.04 10.61 1.80
CA TRP A 464 20.00 9.63 2.28
C TRP A 464 20.21 9.71 3.79
N TYR A 465 20.06 10.89 4.39
CA TYR A 465 20.01 10.95 5.84
C TYR A 465 18.90 10.04 6.37
N LEU A 466 17.69 10.18 5.81
CA LEU A 466 16.60 9.36 6.28
C LEU A 466 16.83 7.88 6.00
N ARG A 467 17.49 7.53 4.90
CA ARG A 467 17.75 6.13 4.64
C ARG A 467 18.70 5.52 5.66
N THR A 468 19.84 6.15 5.91
CA THR A 468 20.76 5.56 6.86
C THR A 468 20.17 5.62 8.27
N LYS A 469 19.47 6.70 8.58
CA LYS A 469 18.86 6.84 9.90
C LYS A 469 17.89 5.70 10.18
N TYR A 470 16.94 5.47 9.28
CA TYR A 470 15.89 4.49 9.52
C TYR A 470 16.19 3.12 8.91
N GLN A 471 16.45 3.07 7.62
CA GLN A 471 16.51 1.78 6.95
C GLN A 471 17.86 1.10 7.05
N GLY A 472 18.90 1.81 7.49
CA GLY A 472 20.20 1.17 7.64
C GLY A 472 20.89 0.89 6.34
N ILE A 473 20.64 1.72 5.35
CA ILE A 473 21.23 1.60 4.02
C ILE A 473 22.04 2.85 3.73
N CYS A 474 23.05 2.70 2.88
CA CYS A 474 23.77 3.85 2.36
C CYS A 474 24.01 3.69 0.87
N PRO A 475 24.32 4.77 0.18
CA PRO A 475 24.35 4.75 -1.28
C PRO A 475 25.60 4.06 -1.79
N PRO A 476 25.52 3.30 -2.88
CA PRO A 476 26.70 2.58 -3.37
C PRO A 476 27.70 3.44 -4.10
N VAL A 477 27.31 4.57 -4.65
CA VAL A 477 28.24 5.50 -5.30
C VAL A 477 27.84 6.92 -4.94
N THR A 478 28.84 7.77 -4.75
CA THR A 478 28.62 9.02 -4.04
C THR A 478 27.51 9.78 -4.72
N ARG A 479 26.53 10.24 -3.96
CA ARG A 479 25.37 10.93 -4.50
C ARG A 479 25.25 12.32 -3.93
N ASN A 480 25.07 13.29 -4.82
CA ASN A 480 25.19 14.70 -4.50
C ASN A 480 23.99 15.42 -5.09
N GLU A 481 23.79 16.66 -4.66
CA GLU A 481 22.51 17.31 -4.89
C GLU A 481 22.19 17.57 -6.35
N THR A 482 23.04 17.20 -7.30
CA THR A 482 22.55 17.13 -8.68
C THR A 482 21.56 15.99 -8.85
N HIS A 483 21.77 14.89 -8.14
CA HIS A 483 20.89 13.74 -8.24
C HIS A 483 19.63 13.96 -7.42
N PHE A 484 18.66 13.06 -7.61
CA PHE A 484 17.37 13.18 -6.93
C PHE A 484 16.78 11.78 -6.76
N ASP A 485 17.38 11.00 -5.86
CA ASP A 485 17.04 9.60 -5.74
C ASP A 485 15.64 9.38 -5.20
N ALA A 486 15.09 10.34 -4.46
CA ALA A 486 13.72 10.19 -3.99
C ALA A 486 12.76 10.07 -5.17
N GLY A 487 13.08 10.69 -6.30
CA GLY A 487 12.23 10.60 -7.45
C GLY A 487 12.21 9.23 -8.09
N ALA A 488 13.23 8.42 -7.88
CA ALA A 488 13.31 7.13 -8.56
C ALA A 488 12.29 6.11 -8.06
N LYS A 489 11.48 6.44 -7.07
CA LYS A 489 10.44 5.53 -6.59
C LYS A 489 9.16 5.79 -7.36
N PHE A 490 8.30 4.77 -7.45
CA PHE A 490 7.03 4.97 -8.10
C PHE A 490 6.19 6.03 -7.40
N HIS A 491 6.07 5.94 -6.09
CA HIS A 491 5.03 6.70 -5.42
C HIS A 491 5.35 8.18 -5.32
N VAL A 492 6.58 8.59 -5.57
CA VAL A 492 6.96 9.99 -5.41
C VAL A 492 6.47 10.79 -6.62
N PRO A 493 6.99 10.57 -7.83
CA PRO A 493 6.39 11.25 -8.98
C PRO A 493 4.90 11.03 -9.13
N ASN A 494 4.38 9.86 -8.78
CA ASN A 494 2.94 9.69 -8.79
C ASN A 494 2.26 10.31 -7.60
N VAL A 495 3.00 11.06 -6.78
CA VAL A 495 2.44 11.82 -5.67
C VAL A 495 1.40 10.99 -4.93
N THR A 496 1.77 9.77 -4.54
CA THR A 496 0.86 8.87 -3.86
C THR A 496 1.39 8.53 -2.48
N PRO A 497 0.62 8.74 -1.41
CA PRO A 497 1.15 8.53 -0.06
C PRO A 497 1.49 7.07 0.20
N TYR A 498 2.69 6.83 0.73
CA TYR A 498 3.00 5.50 1.25
C TYR A 498 2.44 5.27 2.65
N ILE A 499 2.28 6.32 3.45
CA ILE A 499 2.01 6.13 4.86
C ILE A 499 0.76 5.29 5.09
N ARG A 500 -0.17 5.27 4.14
CA ARG A 500 -1.33 4.39 4.27
C ARG A 500 -0.88 2.96 4.48
N TYR A 501 0.16 2.53 3.79
CA TYR A 501 0.55 1.14 3.84
C TYR A 501 1.13 0.78 5.21
N PHE A 502 1.96 1.68 5.75
CA PHE A 502 2.50 1.48 7.09
C PHE A 502 1.40 1.40 8.13
N VAL A 503 0.46 2.35 8.10
CA VAL A 503 -0.65 2.28 9.04
C VAL A 503 -1.40 0.97 8.88
N SER A 504 -1.55 0.50 7.64
CA SER A 504 -2.30 -0.73 7.43
C SER A 504 -1.60 -1.93 8.05
N PHE A 505 -0.30 -2.08 7.77
CA PHE A 505 0.42 -3.26 8.25
C PHE A 505 0.51 -3.32 9.76
N VAL A 506 0.27 -2.23 10.47
CA VAL A 506 0.12 -2.29 11.92
C VAL A 506 -1.31 -2.63 12.30
N LEU A 507 -2.30 -1.98 11.69
CA LEU A 507 -3.69 -2.34 11.96
C LEU A 507 -3.96 -3.79 11.63
N GLN A 508 -3.23 -4.34 10.65
CA GLN A 508 -3.44 -5.72 10.25
C GLN A 508 -3.40 -6.66 11.44
N PHE A 509 -2.27 -6.69 12.15
CA PHE A 509 -2.15 -7.57 13.29
C PHE A 509 -2.94 -7.07 14.48
N GLN A 510 -3.05 -5.76 14.65
CA GLN A 510 -3.83 -5.26 15.78
C GLN A 510 -5.28 -5.72 15.66
N PHE A 511 -5.74 -6.01 14.44
CA PHE A 511 -6.99 -6.73 14.29
C PHE A 511 -6.80 -8.22 14.55
N HIS A 512 -5.83 -8.82 13.85
CA HIS A 512 -5.72 -10.27 13.85
C HIS A 512 -5.63 -10.79 15.27
N GLU A 513 -4.82 -10.15 16.10
CA GLU A 513 -4.76 -10.52 17.50
C GLU A 513 -6.12 -10.36 18.16
N ALA A 514 -6.76 -9.21 17.95
CA ALA A 514 -8.06 -8.98 18.55
C ALA A 514 -9.15 -9.90 18.00
N LEU A 515 -9.00 -10.41 16.79
CA LEU A 515 -9.94 -11.43 16.33
C LEU A 515 -9.65 -12.80 16.95
N CYS A 516 -8.39 -13.24 16.87
CA CYS A 516 -8.05 -14.54 17.43
C CYS A 516 -8.32 -14.58 18.92
N LYS A 517 -8.05 -13.47 19.61
CA LYS A 517 -8.51 -13.34 20.99
C LYS A 517 -10.00 -13.58 21.09
N GLU A 518 -10.76 -13.02 20.15
CA GLU A 518 -12.21 -13.18 20.17
C GLU A 518 -12.66 -14.54 19.67
N ALA A 519 -11.94 -15.12 18.72
CA ALA A 519 -12.26 -16.44 18.17
C ALA A 519 -11.90 -17.59 19.09
N GLY A 520 -11.58 -17.33 20.36
CA GLY A 520 -11.28 -18.41 21.28
C GLY A 520 -9.96 -19.12 21.04
N TYR A 521 -9.22 -18.75 20.00
CA TYR A 521 -7.96 -19.40 19.72
C TYR A 521 -6.94 -19.12 20.82
N GLU A 522 -6.01 -20.07 20.98
CA GLU A 522 -4.86 -19.89 21.85
C GLU A 522 -3.69 -20.66 21.27
N GLY A 523 -2.48 -20.15 21.53
CA GLY A 523 -1.28 -20.73 20.98
C GLY A 523 -0.56 -19.77 20.05
N PRO A 524 0.37 -20.30 19.26
CA PRO A 524 1.19 -19.42 18.42
C PRO A 524 0.29 -18.63 17.47
N LEU A 525 0.44 -17.32 17.49
CA LEU A 525 -0.54 -16.48 16.82
C LEU A 525 -0.55 -16.70 15.32
N HIS A 526 0.60 -17.02 14.73
CA HIS A 526 0.62 -17.31 13.30
C HIS A 526 -0.05 -18.63 12.95
N GLN A 527 -0.46 -19.43 13.93
CA GLN A 527 -1.23 -20.64 13.69
C GLN A 527 -2.70 -20.48 14.03
N CYS A 528 -3.13 -19.27 14.35
CA CYS A 528 -4.55 -19.00 14.48
C CYS A 528 -5.23 -19.03 13.12
N ASP A 529 -6.48 -19.50 13.12
CA ASP A 529 -7.43 -19.14 12.08
C ASP A 529 -8.77 -18.85 12.71
N ILE A 530 -9.54 -17.98 12.05
CA ILE A 530 -10.85 -17.59 12.53
C ILE A 530 -11.97 -18.24 11.76
N TYR A 531 -11.65 -19.05 10.75
CA TYR A 531 -12.67 -19.70 9.95
C TYR A 531 -13.70 -20.42 10.80
N ARG A 532 -14.96 -20.32 10.39
CA ARG A 532 -16.14 -20.84 11.07
C ARG A 532 -16.45 -20.15 12.40
N SER A 533 -15.70 -19.12 12.79
CA SER A 533 -15.79 -18.57 14.14
C SER A 533 -16.75 -17.39 14.14
N THR A 534 -18.03 -17.65 14.38
CA THR A 534 -19.02 -16.59 14.26
C THR A 534 -18.71 -15.43 15.20
N LYS A 535 -18.03 -15.71 16.31
CA LYS A 535 -17.71 -14.64 17.25
C LYS A 535 -16.86 -13.57 16.59
N ALA A 536 -15.94 -13.98 15.73
CA ALA A 536 -15.10 -13.01 15.05
C ALA A 536 -15.90 -12.20 14.06
N GLY A 537 -16.76 -12.86 13.28
CA GLY A 537 -17.49 -12.15 12.25
C GLY A 537 -18.35 -11.03 12.81
N ALA A 538 -19.11 -11.33 13.86
CA ALA A 538 -20.02 -10.33 14.40
C ALA A 538 -19.28 -9.10 14.90
N LYS A 539 -18.10 -9.27 15.48
CA LYS A 539 -17.30 -8.09 15.80
C LYS A 539 -16.69 -7.48 14.55
N LEU A 540 -16.15 -8.29 13.65
CA LEU A 540 -15.57 -7.75 12.43
C LEU A 540 -16.59 -6.95 11.64
N ARG A 541 -17.80 -7.48 11.50
CA ARG A 541 -18.88 -6.78 10.83
C ARG A 541 -19.13 -5.39 11.41
N LYS A 542 -19.07 -5.25 12.74
CA LYS A 542 -19.20 -3.93 13.34
C LYS A 542 -18.14 -2.96 12.85
N VAL A 543 -16.93 -3.43 12.57
CA VAL A 543 -15.94 -2.55 11.96
C VAL A 543 -16.34 -2.20 10.53
N LEU A 544 -16.74 -3.20 9.75
CA LEU A 544 -16.97 -2.92 8.33
C LEU A 544 -18.16 -2.01 8.13
N GLN A 545 -19.26 -2.23 8.85
CA GLN A 545 -20.43 -1.37 8.72
C GLN A 545 -20.11 0.10 8.98
N ALA A 546 -19.12 0.38 9.81
CA ALA A 546 -18.86 1.77 10.15
C ALA A 546 -18.31 2.55 8.97
N GLY A 547 -17.64 1.88 8.04
CA GLY A 547 -17.06 2.62 6.94
C GLY A 547 -16.17 3.73 7.44
N SER A 548 -16.48 4.96 7.06
CA SER A 548 -15.79 6.14 7.58
C SER A 548 -16.70 7.07 8.35
N SER A 549 -17.94 6.67 8.63
CA SER A 549 -18.83 7.53 9.41
C SER A 549 -18.21 7.88 10.75
N ARG A 550 -17.58 6.92 11.39
CA ARG A 550 -17.13 7.03 12.77
C ARG A 550 -15.62 7.10 12.80
N PRO A 551 -15.03 8.03 13.53
CA PRO A 551 -13.57 8.20 13.46
C PRO A 551 -12.84 6.90 13.79
N TRP A 552 -11.83 6.58 12.98
CA TRP A 552 -11.21 5.26 13.07
C TRP A 552 -10.70 4.99 14.48
N GLN A 553 -10.17 6.00 15.15
CA GLN A 553 -9.71 5.79 16.52
C GLN A 553 -10.83 5.29 17.42
N GLU A 554 -12.06 5.72 17.18
CA GLU A 554 -13.17 5.19 17.97
C GLU A 554 -13.57 3.79 17.51
N VAL A 555 -13.53 3.53 16.20
CA VAL A 555 -13.89 2.21 15.71
C VAL A 555 -12.85 1.18 16.12
N LEU A 556 -11.57 1.49 15.92
CA LEU A 556 -10.52 0.58 16.36
C LEU A 556 -10.67 0.25 17.84
N LYS A 557 -10.94 1.26 18.67
CA LYS A 557 -11.14 1.00 20.09
C LYS A 557 -12.29 0.05 20.32
N ASP A 558 -13.38 0.20 19.57
CA ASP A 558 -14.52 -0.70 19.75
C ASP A 558 -14.18 -2.12 19.32
N MET A 559 -13.28 -2.29 18.36
CA MET A 559 -12.84 -3.64 18.02
C MET A 559 -11.79 -4.13 19.01
N VAL A 560 -10.65 -3.47 19.05
CA VAL A 560 -9.48 -4.03 19.72
C VAL A 560 -9.44 -3.65 21.20
N GLY A 561 -10.03 -2.52 21.56
CA GLY A 561 -9.97 -2.02 22.92
C GLY A 561 -8.92 -0.96 23.13
N LEU A 562 -8.11 -0.65 22.12
CA LEU A 562 -7.06 0.34 22.23
C LEU A 562 -7.39 1.52 21.33
N ASP A 563 -7.25 2.72 21.87
CA ASP A 563 -7.60 3.95 21.17
C ASP A 563 -6.63 4.33 20.06
N ALA A 564 -5.60 3.54 19.81
CA ALA A 564 -4.55 3.97 18.90
C ALA A 564 -3.81 2.75 18.37
N LEU A 565 -2.92 3.01 17.42
CA LEU A 565 -2.07 1.96 16.87
C LEU A 565 -1.16 1.41 17.96
N ASP A 566 -0.80 0.13 17.84
CA ASP A 566 0.26 -0.43 18.66
C ASP A 566 0.89 -1.60 17.94
N ALA A 567 2.20 -1.75 18.11
CA ALA A 567 2.97 -2.79 17.44
C ALA A 567 3.30 -3.97 18.33
N GLN A 568 2.91 -3.94 19.61
CA GLN A 568 3.06 -5.14 20.42
C GLN A 568 2.42 -6.36 19.78
N PRO A 569 1.20 -6.29 19.24
CA PRO A 569 0.63 -7.51 18.62
C PRO A 569 1.47 -8.00 17.46
N LEU A 570 1.95 -7.08 16.63
CA LEU A 570 2.83 -7.47 15.54
C LEU A 570 4.06 -8.19 16.06
N LEU A 571 4.67 -7.67 17.11
CA LEU A 571 5.79 -8.36 17.73
C LEU A 571 5.38 -9.73 18.26
N LYS A 572 4.17 -9.87 18.79
CA LYS A 572 3.73 -11.19 19.19
C LYS A 572 3.69 -12.15 18.01
N TYR A 573 3.17 -11.69 16.88
CA TYR A 573 3.06 -12.57 15.72
C TYR A 573 4.43 -13.04 15.24
N PHE A 574 5.37 -12.13 15.12
CA PHE A 574 6.71 -12.48 14.66
C PHE A 574 7.59 -13.02 15.76
N GLN A 575 7.02 -13.29 16.93
CA GLN A 575 7.84 -13.60 18.10
C GLN A 575 8.82 -14.74 17.83
N LEU A 576 8.35 -15.80 17.18
CA LEU A 576 9.22 -16.96 17.02
C LEU A 576 10.45 -16.63 16.20
N VAL A 577 10.29 -15.91 15.09
CA VAL A 577 11.49 -15.55 14.34
C VAL A 577 12.28 -14.50 15.10
N THR A 578 11.60 -13.64 15.86
CA THR A 578 12.31 -12.63 16.64
C THR A 578 13.29 -13.31 17.58
N GLN A 579 12.83 -14.32 18.30
CA GLN A 579 13.72 -15.08 19.17
C GLN A 579 14.84 -15.72 18.37
N TRP A 580 14.49 -16.38 17.27
CA TRP A 580 15.51 -17.10 16.52
C TRP A 580 16.60 -16.17 16.03
N LEU A 581 16.22 -15.01 15.50
CA LEU A 581 17.23 -14.06 15.04
C LEU A 581 18.11 -13.60 16.19
N GLN A 582 17.51 -13.29 17.33
CA GLN A 582 18.31 -12.85 18.47
C GLN A 582 19.33 -13.91 18.84
N GLU A 583 18.96 -15.18 18.77
CA GLU A 583 19.93 -16.23 19.00
C GLU A 583 21.03 -16.19 17.95
N GLN A 584 20.65 -16.13 16.67
CA GLN A 584 21.64 -16.18 15.60
C GLN A 584 22.57 -14.98 15.63
N ASN A 585 22.05 -13.80 15.94
CA ASN A 585 22.91 -12.64 16.06
C ASN A 585 23.86 -12.80 17.25
N GLN A 586 23.32 -13.21 18.40
CA GLN A 586 24.16 -13.42 19.57
C GLN A 586 25.24 -14.46 19.32
N GLN A 587 24.93 -15.52 18.55
CA GLN A 587 25.95 -16.50 18.24
C GLN A 587 27.07 -15.90 17.40
N ASN A 588 26.74 -15.01 16.48
CA ASN A 588 27.74 -14.45 15.60
C ASN A 588 28.42 -13.21 16.16
N GLY A 589 28.03 -12.75 17.35
CA GLY A 589 28.51 -11.47 17.82
C GLY A 589 28.09 -10.30 16.96
N GLU A 590 27.03 -10.49 16.19
CA GLU A 590 26.60 -9.48 15.23
C GLU A 590 26.17 -8.20 15.96
N VAL A 591 26.80 -7.09 15.61
CA VAL A 591 26.54 -5.82 16.28
C VAL A 591 25.22 -5.27 15.74
N LEU A 592 24.17 -5.33 16.56
CA LEU A 592 22.91 -4.73 16.16
C LEU A 592 23.08 -3.25 15.89
N GLY A 593 22.25 -2.72 15.00
CA GLY A 593 22.44 -1.38 14.51
C GLY A 593 23.56 -1.30 13.50
N TRP A 594 24.01 -0.07 13.26
CA TRP A 594 25.10 0.20 12.33
C TRP A 594 25.91 1.39 12.83
N PRO A 595 26.81 1.17 13.78
CA PRO A 595 27.90 2.12 13.98
C PRO A 595 28.84 2.07 12.78
N GLU A 596 29.74 3.04 12.74
CA GLU A 596 30.52 3.30 11.54
C GLU A 596 29.62 3.66 10.37
N TYR A 597 28.54 4.38 10.68
CA TYR A 597 27.59 4.78 9.66
C TYR A 597 28.26 5.57 8.54
N GLN A 598 29.38 6.23 8.80
CA GLN A 598 30.03 7.04 7.78
C GLN A 598 30.93 6.17 6.90
N TRP A 599 30.34 5.13 6.34
CA TRP A 599 31.07 4.18 5.53
C TRP A 599 30.20 3.79 4.35
N HIS A 600 30.81 3.68 3.17
CA HIS A 600 30.19 3.01 2.05
C HIS A 600 31.30 2.47 1.16
N PRO A 601 31.03 1.41 0.38
CA PRO A 601 32.11 0.62 -0.18
C PRO A 601 32.85 1.37 -1.26
N PRO A 602 34.08 0.98 -1.57
CA PRO A 602 34.74 1.48 -2.77
C PRO A 602 34.09 0.92 -4.02
N LEU A 603 34.50 1.47 -5.15
CA LEU A 603 34.00 1.00 -6.44
C LEU A 603 34.71 -0.28 -6.88
N PRO A 604 34.04 -1.13 -7.64
CA PRO A 604 34.73 -2.25 -8.29
C PRO A 604 35.84 -1.78 -9.22
N ASP A 605 36.87 -2.64 -9.33
CA ASP A 605 38.19 -2.19 -9.71
C ASP A 605 38.24 -1.52 -11.09
N ASN A 606 37.46 -2.02 -12.05
CA ASN A 606 37.53 -1.51 -13.42
C ASN A 606 36.22 -0.89 -13.87
N TYR A 607 35.51 -0.28 -12.96
CA TYR A 607 34.11 -0.01 -13.17
C TYR A 607 33.94 1.05 -14.25
N PRO A 608 33.09 0.81 -15.27
CA PRO A 608 32.54 -0.46 -15.72
C PRO A 608 33.39 -1.11 -16.81
C1 NAG B . -15.20 -25.35 -11.54
C2 NAG B . -15.91 -25.69 -12.84
C3 NAG B . -17.41 -25.57 -12.64
C4 NAG B . -17.79 -26.59 -11.58
C5 NAG B . -17.07 -26.24 -10.29
C6 NAG B . -17.33 -27.26 -9.20
C7 NAG B . -14.34 -25.08 -14.62
C8 NAG B . -14.01 -24.10 -15.70
N2 NAG B . -15.47 -24.83 -13.92
O3 NAG B . -18.09 -25.84 -13.86
O4 NAG B . -19.19 -26.59 -11.39
O5 NAG B . -15.65 -26.25 -10.51
O6 NAG B . -16.85 -28.53 -9.66
O7 NAG B . -13.63 -26.04 -14.37
H1 NAG B . -15.46 -24.44 -11.29
H2 NAG B . -15.71 -26.61 -13.07
H3 NAG B . -17.62 -24.68 -12.32
H4 NAG B . -17.50 -27.47 -11.88
H5 NAG B . -17.35 -25.36 -9.98
H61 NAG B . -16.84 -27.01 -8.40
H62 NAG B . -18.28 -27.31 -9.01
H81 NAG B . -13.24 -24.42 -16.20
H82 NAG B . -14.77 -23.99 -16.30
H83 NAG B . -13.80 -23.23 -15.29
HN2 NAG B . -15.97 -24.09 -14.14
HO3 NAG B . -17.85 -25.23 -14.46
C1 NAG B . -19.60 -27.98 -11.34
C2 NAG B . -21.02 -28.05 -10.81
C3 NAG B . -21.45 -29.50 -10.73
C4 NAG B . -21.32 -30.16 -12.09
C5 NAG B . -19.90 -29.98 -12.63
C6 NAG B . -19.72 -30.50 -14.03
C7 NAG B . -22.27 -26.89 -9.06
C8 NAG B . -22.20 -26.24 -7.71
N2 NAG B . -21.13 -27.39 -9.52
O3 NAG B . -22.80 -29.56 -10.27
O4 NAG B . -21.59 -31.54 -11.98
O5 NAG B . -19.54 -28.59 -12.64
O6 NAG B . -20.00 -29.50 -15.00
O7 NAG B . -23.31 -26.97 -9.69
H1 NAG B . -19.02 -28.48 -10.73
H2 NAG B . -21.60 -27.59 -11.45
H3 NAG B . -20.88 -29.96 -10.09
H4 NAG B . -21.95 -29.74 -12.71
H5 NAG B . -19.29 -30.46 -12.03
H61 NAG B . -18.80 -30.80 -14.15
H62 NAG B . -20.32 -31.26 -14.17
H81 NAG B . -23.09 -25.95 -7.44
H82 NAG B . -21.85 -26.88 -7.05
H83 NAG B . -21.61 -25.47 -7.75
HN2 NAG B . -20.37 -27.30 -9.02
HO3 NAG B . -23.20 -28.79 -10.45
HO6 NAG B . -19.77 -28.70 -14.68
C1 BMA B . -22.85 -31.88 -12.61
C2 BMA B . -22.93 -33.40 -12.64
C3 BMA B . -24.24 -33.81 -13.26
C4 BMA B . -25.40 -33.27 -12.43
C5 BMA B . -25.28 -31.72 -12.33
C6 BMA B . -26.21 -31.14 -11.31
O2 BMA B . -22.93 -33.93 -11.31
O3 BMA B . -24.32 -35.24 -13.41
O4 BMA B . -26.64 -33.59 -13.05
O5 BMA B . -23.95 -31.33 -11.90
O6 BMA B . -26.02 -31.88 -10.12
H1 BMA B . -22.84 -31.49 -13.65
H2 BMA B . -22.09 -33.79 -13.22
H3 BMA B . -24.32 -33.38 -14.27
H4 BMA B . -25.33 -33.69 -11.41
H5 BMA B . -25.52 -31.26 -13.31
H61 BMA B . -27.24 -31.22 -11.68
H62 BMA B . -25.97 -30.08 -11.18
HO2 BMA B . -22.27 -33.40 -10.82
HO4 BMA B . -26.75 -34.54 -12.92
C1 MAN B . -26.60 -31.16 -9.02
C2 MAN B . -26.44 -32.03 -7.73
C3 MAN B . -27.45 -33.20 -7.70
C4 MAN B . -28.86 -32.76 -8.11
C5 MAN B . -28.78 -32.05 -9.45
C6 MAN B . -30.12 -31.61 -10.03
O2 MAN B . -26.64 -31.27 -6.53
O3 MAN B . -27.48 -33.82 -6.42
O4 MAN B . -29.69 -33.90 -8.25
O5 MAN B . -27.96 -30.87 -9.28
O6 MAN B . -29.88 -31.07 -11.33
H1 MAN B . -26.12 -30.18 -8.89
H2 MAN B . -25.44 -32.47 -7.75
H3 MAN B . -27.11 -33.97 -8.40
H4 MAN B . -29.25 -32.07 -7.36
H5 MAN B . -28.30 -32.72 -10.19
H61 MAN B . -30.56 -30.87 -9.35
H62 MAN B . -30.77 -32.48 -10.06
HO3 MAN B . -27.81 -34.72 -6.58
HO4 MAN B . -29.90 -34.18 -7.35
HO6 MAN B . -30.73 -30.79 -11.68
C1 NAG B . -25.35 -30.84 -6.01
C2 NAG B . -25.40 -29.35 -5.77
C3 NAG B . -24.02 -28.89 -5.35
C4 NAG B . -23.61 -29.62 -4.09
C5 NAG B . -23.76 -31.14 -4.23
C6 NAG B . -23.64 -31.88 -2.92
C7 NAG B . -27.12 -28.29 -7.16
C8 NAG B . -27.43 -27.56 -8.42
N2 NAG B . -25.84 -28.63 -6.95
O3 NAG B . -24.01 -27.49 -5.13
O4 NAG B . -22.25 -29.33 -3.77
O5 NAG B . -25.04 -31.51 -4.78
O6 NAG B . -24.15 -33.20 -3.01
O7 NAG B . -28.01 -28.58 -6.35
H1 NAG B . -24.65 -31.01 -6.66
H2 NAG B . -26.01 -29.17 -5.03
H3 NAG B . -23.38 -29.10 -6.06
H4 NAG B . -24.17 -29.32 -3.35
H5 NAG B . -23.06 -31.47 -4.83
H61 NAG B . -22.70 -31.91 -2.65
H62 NAG B . -24.14 -31.39 -2.24
H81 NAG B . -26.96 -27.99 -9.16
H82 NAG B . -28.38 -27.57 -8.59
H83 NAG B . -27.11 -26.64 -8.35
HN2 NAG B . -25.23 -28.39 -7.58
HO3 NAG B . -24.44 -27.08 -5.80
HO4 NAG B . -22.11 -28.46 -3.86
HO6 NAG B . -24.89 -33.20 -3.48
C1 MAN B . -24.58 -35.60 -14.79
C2 MAN B . -24.70 -37.17 -14.88
C3 MAN B . -23.33 -37.84 -14.80
C4 MAN B . -22.34 -37.17 -15.76
C5 MAN B . -22.26 -35.68 -15.42
C6 MAN B . -21.29 -34.89 -16.27
O2 MAN B . -25.23 -37.57 -16.14
O3 MAN B . -23.41 -39.22 -15.10
O4 MAN B . -21.06 -37.75 -15.61
O5 MAN B . -23.56 -35.10 -15.63
O6 MAN B . -21.28 -33.54 -15.79
H1 MAN B . -25.51 -35.13 -15.14
H2 MAN B . -25.33 -37.53 -14.06
H3 MAN B . -22.94 -37.75 -13.77
H4 MAN B . -22.71 -37.29 -16.79
H5 MAN B . -21.98 -35.58 -14.37
H61 MAN B . -21.61 -34.94 -17.32
H62 MAN B . -20.30 -35.36 -16.18
HO2 MAN B . -26.18 -37.37 -16.16
HO3 MAN B . -24.03 -39.30 -15.83
HO4 MAN B . -21.21 -38.72 -15.61
HO6 MAN B . -20.83 -33.01 -16.44
C1 FUC B . -17.14 -29.63 -8.77
C2 FUC B . -16.50 -30.81 -9.47
C3 FUC B . -14.98 -30.59 -9.55
C4 FUC B . -14.43 -30.44 -8.15
C5 FUC B . -15.16 -29.31 -7.44
C6 FUC B . -14.80 -29.21 -5.97
O2 FUC B . -17.04 -31.05 -10.76
O3 FUC B . -14.35 -31.68 -10.18
O4 FUC B . -14.65 -31.64 -7.44
O5 FUC B . -16.59 -29.44 -7.50
H1 FUC B . -18.22 -29.76 -8.64
H2 FUC B . -16.68 -31.71 -8.87
H3 FUC B . -14.79 -29.65 -10.10
H4 FUC B . -13.36 -30.20 -8.20
H5 FUC B . -14.87 -28.37 -7.95
H61 FUC B . -15.34 -28.40 -5.49
H62 FUC B . -15.03 -30.15 -5.46
H63 FUC B . -13.72 -29.02 -5.85
HO2 FUC B . -16.32 -31.40 -11.29
HO3 FUC B . -13.46 -31.37 -10.42
HO4 FUC B . -14.15 -32.31 -7.92
C1 NAG C . 5.77 18.62 -20.37
C2 NAG C . 5.83 20.10 -20.38
C3 NAG C . 5.57 20.58 -21.79
C4 NAG C . 6.62 19.96 -22.71
C5 NAG C . 6.73 18.44 -22.50
C6 NAG C . 7.97 17.86 -23.14
C7 NAG C . 5.11 20.91 -18.18
C8 NAG C . 3.99 21.52 -17.39
N2 NAG C . 4.86 20.68 -19.47
O3 NAG C . 5.66 21.99 -21.84
O4 NAG C . 6.22 20.18 -24.06
O5 NAG C . 6.82 18.11 -21.11
O6 NAG C . 9.14 18.20 -22.41
O7 NAG C . 6.20 20.66 -17.68
H1 NAG C . 4.92 18.34 -20.78
H2 NAG C . 6.72 20.39 -20.11
H3 NAG C . 4.69 20.30 -22.07
H4 NAG C . 7.48 20.38 -22.55
H5 NAG C . 5.95 18.01 -22.87
H61 NAG C . 7.89 16.88 -23.15
H62 NAG C . 8.05 18.18 -24.05
H81 NAG C . 3.64 22.31 -17.86
H82 NAG C . 3.28 20.86 -17.28
H83 NAG C . 4.32 21.79 -16.51
HN2 NAG C . 4.03 20.89 -19.79
HO3 NAG C . 4.99 22.35 -21.36
HO6 NAG C . 9.03 18.02 -21.55
C1 NAG C . 7.27 20.79 -24.84
C2 NAG C . 7.05 20.36 -26.28
C3 NAG C . 8.15 20.93 -27.14
C4 NAG C . 8.16 22.44 -27.02
C5 NAG C . 8.18 22.89 -25.54
C6 NAG C . 7.88 24.36 -25.39
C7 NAG C . 5.87 18.22 -26.47
C8 NAG C . 6.01 16.73 -26.57
N2 NAG C . 7.00 18.90 -26.38
O3 NAG C . 7.93 20.55 -28.50
O4 NAG C . 9.33 22.95 -27.67
O5 NAG C . 7.20 22.20 -24.77
O6 NAG C . 7.37 24.64 -24.10
O7 NAG C . 4.78 18.77 -26.48
H1 NAG C . 8.15 20.48 -24.55
H2 NAG C . 6.20 20.72 -26.58
H3 NAG C . 9.00 20.57 -26.85
H4 NAG C . 7.37 22.81 -27.45
H5 NAG C . 9.06 22.70 -25.18
H61 NAG C . 8.71 24.88 -25.52
H62 NAG C . 7.23 24.63 -26.06
H81 NAG C . 6.39 16.38 -25.75
H82 NAG C . 5.14 16.33 -26.71
H83 NAG C . 6.59 16.50 -27.32
HN2 NAG C . 7.80 18.45 -26.37
HO3 NAG C . 7.85 19.66 -28.55
HO6 NAG C . 7.13 23.88 -23.70
C1 BMA C . 9.01 23.92 -28.69
C2 BMA C . 10.30 24.67 -29.00
C3 BMA C . 10.06 25.67 -30.11
C4 BMA C . 9.44 25.00 -31.33
C5 BMA C . 8.17 24.24 -30.93
C6 BMA C . 7.56 23.45 -32.08
O2 BMA C . 11.29 23.77 -29.47
O3 BMA C . 11.27 26.31 -30.50
O4 BMA C . 9.09 25.99 -32.29
O5 BMA C . 8.49 23.31 -29.87
O6 BMA C . 6.33 22.90 -31.65
H1 BMA C . 8.26 24.63 -28.29
H2 BMA C . 10.65 25.19 -28.09
H3 BMA C . 9.39 26.47 -29.77
H4 BMA C . 10.16 24.28 -31.74
H5 BMA C . 7.41 24.96 -30.58
H61 BMA C . 8.29 22.66 -32.37
H62 BMA C . 7.45 24.14 -32.93
HO2 BMA C . 11.24 22.99 -28.89
HO3 BMA C . 11.94 25.61 -30.51
HO4 BMA C . 9.90 26.51 -32.43
HO6 BMA C . 5.91 22.50 -32.43
C1 NAG D . -13.84 -4.28 -24.57
C2 NAG D . -13.91 -4.96 -25.92
C3 NAG D . -14.86 -4.18 -26.82
C4 NAG D . -16.19 -3.92 -26.12
C5 NAG D . -16.02 -3.50 -24.66
C6 NAG D . -17.31 -3.63 -23.88
C7 NAG D . -12.34 -6.06 -27.42
C8 NAG D . -10.94 -6.06 -27.98
N2 NAG D . -12.61 -5.09 -26.54
O3 NAG D . -15.08 -4.92 -28.01
O4 NAG D . -16.83 -2.83 -26.77
O5 NAG D . -15.07 -4.33 -23.97
O6 NAG D . -17.70 -4.99 -23.76
O7 NAG D . -13.17 -6.90 -27.75
H1 NAG D . -13.58 -3.36 -24.68
H2 NAG D . -14.29 -5.85 -25.78
H3 NAG D . -14.45 -3.32 -27.05
H4 NAG D . -16.75 -4.72 -26.17
H5 NAG D . -15.72 -2.58 -24.62
H61 NAG D . -17.20 -3.24 -22.99
H62 NAG D . -18.02 -3.14 -24.35
H81 NAG D . -10.77 -6.92 -28.41
H82 NAG D . -10.87 -5.35 -28.65
H83 NAG D . -10.31 -5.91 -27.26
HN2 NAG D . -11.96 -4.49 -26.34
HO3 NAG D . -14.94 -5.79 -27.85
HO6 NAG D . -18.41 -5.05 -23.22
C1 NAG D . -17.32 -3.01 -28.12
C2 NAG D . -18.09 -1.76 -28.41
C3 NAG D . -18.77 -1.90 -29.75
C4 NAG D . -17.69 -2.10 -30.81
C5 NAG D . -16.81 -3.30 -30.44
C6 NAG D . -15.61 -3.45 -31.35
C7 NAG D . -18.75 -0.86 -26.23
C8 NAG D . -19.87 -0.67 -25.25
N2 NAG D . -19.07 -1.50 -27.36
O3 NAG D . -19.52 -0.72 -30.04
O4 NAG D . -18.30 -2.36 -32.07
O5 NAG D . -16.28 -3.16 -29.10
O6 NAG D . -14.77 -4.50 -30.92
O7 NAG D . -17.62 -0.46 -26.00
H1 NAG D . -17.91 -3.79 -28.17
H2 NAG D . -17.47 -1.01 -28.45
H3 NAG D . -19.36 -2.66 -29.74
H4 NAG D . -17.13 -1.30 -30.87
H5 NAG D . -17.34 -4.11 -30.48
H61 NAG D . -15.92 -3.65 -32.25
H62 NAG D . -15.10 -2.62 -31.36
H81 NAG D . -19.53 -0.28 -24.43
H82 NAG D . -20.54 -0.08 -25.64
H83 NAG D . -20.28 -1.54 -25.05
HN2 NAG D . -19.92 -1.77 -27.49
HO3 NAG D . -19.95 -0.47 -29.31
HO6 NAG D . -14.90 -4.67 -30.06
C1 BMA D . -18.35 -1.26 -33.02
C2 BMA D . -19.79 -1.22 -33.54
C3 BMA D . -19.95 -0.17 -34.63
C4 BMA D . -19.38 1.20 -34.20
C5 BMA D . -18.00 1.07 -33.52
C6 BMA D . -17.58 2.39 -32.89
O2 BMA D . -20.69 -0.86 -32.49
O3 BMA D . -21.32 0.00 -35.00
O4 BMA D . -19.24 2.03 -35.36
O5 BMA D . -18.02 0.03 -32.49
O6 BMA D . -16.34 2.21 -32.23
H1 BMA D . -17.66 -1.48 -33.85
H2 BMA D . -20.03 -2.22 -33.93
H3 BMA D . -19.42 -0.49 -35.55
H4 BMA D . -20.08 1.64 -33.49
H5 BMA D . -17.24 0.82 -34.28
H61 BMA D . -18.36 2.71 -32.20
H62 BMA D . -17.51 3.14 -33.70
HO2 BMA D . -20.14 -0.70 -31.72
HO4 BMA D . -20.13 2.06 -35.76
HO6 BMA D . -16.02 3.08 -31.97
C1 MAN D . -21.92 -1.20 -35.53
C2 MAN D . -23.14 -0.77 -36.40
C3 MAN D . -24.32 -0.38 -35.52
C4 MAN D . -24.61 -1.46 -34.48
C5 MAN D . -23.37 -1.66 -33.63
C6 MAN D . -23.55 -2.70 -32.54
O2 MAN D . -23.61 -1.84 -37.19
O3 MAN D . -25.50 -0.15 -36.30
O4 MAN D . -25.69 -1.07 -33.63
O5 MAN D . -22.29 -2.11 -34.49
O6 MAN D . -22.34 -2.80 -31.80
H1 MAN D . -21.19 -1.76 -36.14
H2 MAN D . -22.84 0.09 -37.02
H3 MAN D . -24.11 0.57 -35.00
H4 MAN D . -24.84 -2.40 -35.00
H5 MAN D . -23.10 -0.70 -33.16
H61 MAN D . -23.82 -3.66 -33.00
H62 MAN D . -24.38 -2.37 -31.90
HO2 MAN D . -23.02 -1.96 -37.95
HO3 MAN D . -25.48 -0.84 -36.99
HO4 MAN D . -26.38 -0.73 -34.23
HO6 MAN D . -21.74 -2.12 -32.14
C1 NAG E . -28.03 8.12 -1.76
C2 NAG E . -28.91 7.69 -0.57
C3 NAG E . -29.72 6.44 -0.90
C4 NAG E . -30.40 6.54 -2.26
C5 NAG E . -29.36 6.89 -3.30
C6 NAG E . -29.96 7.06 -4.67
C7 NAG E . -28.55 7.55 1.85
C8 NAG E . -27.57 7.27 2.94
N2 NAG E . -28.09 7.46 0.60
O3 NAG E . -30.71 6.27 0.11
O4 NAG E . -30.97 5.29 -2.62
O5 NAG E . -28.80 8.15 -2.94
O6 NAG E . -30.83 8.20 -4.71
O7 NAG E . -29.72 7.84 2.08
H1 NAG E . -27.29 7.50 -1.88
H2 NAG E . -29.53 8.41 -0.38
H3 NAG E . -29.13 5.66 -0.90
H4 NAG E . -31.09 7.23 -2.22
H5 NAG E . -28.68 6.21 -3.32
H61 NAG E . -29.24 7.20 -5.32
H62 NAG E . -30.47 6.26 -4.92
H81 NAG E . -27.36 8.09 3.41
H82 NAG E . -27.96 6.63 3.56
H83 NAG E . -26.75 6.89 2.55
HN2 NAG E . -27.21 7.22 0.48
HO3 NAG E . -31.48 6.03 -0.26
HO6 NAG E . -30.41 8.90 -4.38
C1 NAG E . -32.39 5.33 -2.54
C2 NAG E . -32.92 4.13 -3.29
C3 NAG E . -34.42 4.01 -3.13
C4 NAG E . -34.73 3.83 -1.65
C5 NAG E . -34.27 5.08 -0.92
C6 NAG E . -34.43 4.95 0.57
C7 NAG E . -31.44 3.73 -5.21
C8 NAG E . -31.23 3.93 -6.68
N2 NAG E . -32.57 4.22 -4.70
O3 NAG E . -34.88 2.87 -3.86
O4 NAG E . -36.13 3.65 -1.45
O5 NAG E . -32.87 5.31 -1.16
O6 NAG E . -33.67 3.87 1.09
O7 NAG E . -30.62 3.15 -4.50
H1 NAG E . -32.72 6.13 -2.98
H2 NAG E . -32.50 3.32 -2.93
H3 NAG E . -34.85 4.81 -3.46
H4 NAG E . -34.24 3.06 -1.32
H5 NAG E . -34.78 5.83 -1.23
H61 NAG E . -34.13 5.79 1.00
H62 NAG E . -35.37 4.82 0.79
H81 NAG E . -30.34 3.61 -6.93
H82 NAG E . -31.91 3.44 -7.17
H83 NAG E . -31.30 4.88 -6.88
HN2 NAG E . -33.15 4.66 -5.27
HO3 NAG E . -34.43 2.79 -4.62
HO6 NAG E . -33.65 3.92 1.98
C1 BMA E . -36.35 2.35 -0.85
C2 BMA E . -37.80 2.32 -0.37
C3 BMA E . -38.11 0.95 0.14
C4 BMA E . -37.96 -0.07 -0.95
C5 BMA E . -36.53 -0.03 -1.53
C6 BMA E . -36.47 -0.73 -2.85
O2 BMA E . -38.70 2.57 -1.44
O3 BMA E . -39.43 0.89 0.68
O4 BMA E . -38.21 -1.37 -0.44
O5 BMA E . -36.08 1.32 -1.80
O6 BMA E . -37.19 0.10 -3.76
H1 BMA E . -35.68 2.23 0.02
H2 BMA E . -37.93 3.08 0.43
H3 BMA E . -37.42 0.69 0.96
H4 BMA E . -38.66 0.18 -1.77
H5 BMA E . -35.84 -0.53 -0.83
H61 BMA E . -36.92 -1.73 -2.76
H62 BMA E . -35.42 -0.84 -3.13
HO2 BMA E . -38.24 3.20 -2.03
HO3 BMA E . -39.61 -0.05 0.80
HO4 BMA E . -38.45 -1.91 -1.20
C1 MAN E . -37.09 -0.44 -5.09
C2 MAN E . -36.71 0.74 -6.03
C3 MAN E . -37.87 1.71 -6.07
C4 MAN E . -39.15 0.99 -6.49
C5 MAN E . -39.44 -0.18 -5.53
C6 MAN E . -40.63 -1.00 -5.98
O2 MAN E . -36.52 0.32 -7.40
O3 MAN E . -37.62 2.79 -6.96
O4 MAN E . -40.24 1.89 -6.46
O5 MAN E . -38.30 -1.06 -5.47
O6 MAN E . -40.84 -2.02 -5.01
H1 MAN E . -36.33 -1.24 -5.13
H2 MAN E . -35.81 1.24 -5.64
H3 MAN E . -38.02 2.16 -5.07
H4 MAN E . -39.01 0.59 -7.50
H5 MAN E . -39.66 0.23 -4.53
H61 MAN E . -40.41 -1.43 -6.97
H62 MAN E . -41.48 -0.33 -6.07
HO3 MAN E . -36.95 3.33 -6.54
HO4 MAN E . -39.90 2.73 -6.80
HO6 MAN E . -41.55 -2.59 -5.33
C1 NAG E . -35.36 -0.53 -7.54
C2 NAG E . -35.23 -0.91 -9.03
C3 NAG E . -33.90 -1.63 -9.33
C4 NAG E . -32.72 -0.94 -8.67
C5 NAG E . -33.00 -0.72 -7.20
C6 NAG E . -31.89 -0.02 -6.46
C7 NAG E . -36.72 -1.91 -10.71
C8 NAG E . -37.89 -2.80 -10.95
N2 NAG E . -36.35 -1.75 -9.44
O3 NAG E . -33.70 -1.67 -10.74
O4 NAG E . -31.55 -1.73 -8.81
O5 NAG E . -34.16 0.10 -7.09
O6 NAG E . -31.41 1.11 -7.18
O7 NAG E . -36.13 -1.35 -11.63
H1 NAG E . -35.50 -1.35 -7.03
H2 NAG E . -35.26 -0.09 -9.55
H3 NAG E . -33.95 -2.54 -9.00
H4 NAG E . -32.57 -0.07 -9.09
H5 NAG E . -33.18 -1.59 -6.77
H61 NAG E . -32.21 0.28 -5.60
H62 NAG E . -31.15 -0.65 -6.33
H81 NAG E . -38.67 -2.45 -10.48
H82 NAG E . -38.08 -2.86 -11.90
H83 NAG E . -37.70 -3.70 -10.59
HN2 NAG E . -36.82 -2.18 -8.79
HO3 NAG E . -34.35 -1.22 -11.15
HO4 NAG E . -31.43 -1.93 -9.67
HO6 NAG E . -30.71 0.87 -7.68
C1 NAG F . 27.61 14.67 -8.54
C2 NAG F . 28.47 15.84 -8.95
C3 NAG F . 28.69 15.86 -10.46
C4 NAG F . 29.00 14.48 -11.04
C5 NAG F . 28.16 13.38 -10.41
C6 NAG F . 28.66 12.00 -10.74
C7 NAG F . 28.56 18.25 -8.46
C8 NAG F . 27.79 19.44 -8.00
N2 NAG F . 27.88 17.09 -8.51
O3 NAG F . 29.77 16.74 -10.76
O4 NAG F . 28.69 14.51 -12.42
O5 NAG F . 28.18 13.50 -8.99
O6 NAG F . 27.80 11.01 -10.19
O7 NAG F . 29.73 18.32 -8.77
H1 NAG F . 26.72 14.77 -8.94
H2 NAG F . 29.35 15.74 -8.52
H3 NAG F . 27.88 16.20 -10.88
H4 NAG F . 29.96 14.28 -10.91
H5 NAG F . 27.24 13.48 -10.73
H61 NAG F . 28.69 11.89 -11.71
H62 NAG F . 29.55 11.89 -10.38
H81 NAG F . 27.05 19.14 -7.42
H82 NAG F . 28.38 20.02 -7.49
H83 NAG F . 27.42 19.92 -8.77
HN2 NAG F . 27.00 17.09 -8.27
HO3 NAG F . 30.12 17.05 -10.01
HO6 NAG F . 28.08 10.20 -10.45
C1 NAG F . 29.78 14.16 -13.28
C2 NAG F . 29.17 13.87 -14.63
C3 NAG F . 30.26 13.41 -15.57
C4 NAG F . 31.28 14.53 -15.71
C5 NAG F . 31.82 14.90 -14.33
C6 NAG F . 32.71 16.12 -14.37
C7 NAG F . 26.81 13.19 -14.58
C8 NAG F . 25.85 12.04 -14.48
N2 NAG F . 28.11 12.88 -14.54
O3 NAG F . 29.70 13.10 -16.84
O4 NAG F . 32.35 14.12 -16.55
O5 NAG F . 30.76 15.20 -13.41
O6 NAG F . 32.08 17.19 -15.06
O7 NAG F . 26.43 14.35 -14.71
H1 NAG F . 30.21 13.35 -12.94
H2 NAG F . 28.79 14.69 -14.98
H3 NAG F . 30.69 12.61 -15.20
H4 NAG F . 30.83 15.31 -16.09
H5 NAG F . 32.35 14.14 -13.98
H61 NAG F . 32.92 16.40 -13.46
H62 NAG F . 33.55 15.90 -14.84
H81 NAG F . 26.05 11.39 -15.16
H82 NAG F . 25.94 11.64 -13.59
H83 NAG F . 24.94 12.37 -14.59
HN2 NAG F . 28.35 12.00 -14.45
HO3 NAG F . 29.12 12.42 -16.75
HO6 NAG F . 32.52 17.94 -14.92
C1 BMA F . 32.34 14.81 -17.81
C2 BMA F . 33.74 14.73 -18.41
C3 BMA F . 33.74 15.41 -19.78
C4 BMA F . 32.65 14.82 -20.67
C5 BMA F . 31.29 14.92 -19.97
C6 BMA F . 30.17 14.27 -20.76
O2 BMA F . 34.12 13.38 -18.63
O3 BMA F . 35.01 15.29 -20.40
O4 BMA F . 32.60 15.54 -21.90
O5 BMA F . 31.38 14.24 -18.70
O6 BMA F . 28.95 14.48 -20.05
H1 BMA F . 32.08 15.88 -17.65
H2 BMA F . 34.45 15.23 -17.74
H3 BMA F . 33.55 16.48 -19.66
H4 BMA F . 32.87 13.76 -20.84
H5 BMA F . 31.03 15.98 -19.81
H61 BMA F . 30.39 13.21 -20.87
H62 BMA F . 30.16 14.73 -21.75
HO2 BMA F . 34.96 13.41 -19.11
HO3 BMA F . 34.99 15.92 -21.14
HO4 BMA F . 32.67 14.87 -22.59
HO6 BMA F . 28.24 14.07 -20.57
C1 NAG G . -31.47 29.55 -6.59
C2 NAG G . -32.69 29.52 -7.46
C3 NAG G . -32.65 30.69 -8.46
C4 NAG G . -32.22 32.00 -7.81
C5 NAG G . -31.11 31.82 -6.77
C6 NAG G . -30.94 33.02 -5.87
C7 NAG G . -33.96 27.75 -8.56
C8 NAG G . -33.90 26.43 -9.29
N2 NAG G . -32.80 28.26 -8.17
O3 NAG G . -33.95 30.84 -9.02
O4 NAG G . -31.66 32.85 -8.80
O5 NAG G . -31.42 30.72 -5.90
O6 NAG G . -31.97 33.08 -4.90
O7 NAG G . -35.02 28.31 -8.33
H1 NAG G . -30.67 29.46 -7.15
H2 NAG G . -33.47 29.63 -6.89
H3 NAG G . -32.03 30.48 -9.18
H4 NAG G . -32.98 32.44 -7.39
H5 NAG G . -30.26 31.63 -7.22
H61 NAG G . -30.08 32.96 -5.41
H62 NAG G . -30.96 33.84 -6.41
H81 NAG G . -33.58 25.74 -8.67
H82 NAG G . -34.79 26.20 -9.61
H83 NAG G . -33.29 26.51 -10.04
HN2 NAG G . -32.03 27.80 -8.37
HO3 NAG G . -34.52 30.27 -8.64
HO6 NAG G . -31.78 33.72 -4.31
C1 NAG G . -32.58 33.71 -9.48
C2 NAG G . -31.69 34.73 -10.18
C3 NAG G . -32.48 35.62 -11.15
C4 NAG G . -33.40 34.80 -12.03
C5 NAG G . -34.23 33.86 -11.18
C6 NAG G . -35.12 32.93 -11.98
C7 NAG G . -29.93 35.10 -8.50
C8 NAG G . -29.32 36.08 -7.55
N2 NAG G . -30.97 35.54 -9.22
O3 NAG G . -31.56 36.35 -11.94
O4 NAG G . -34.29 35.64 -12.76
O5 NAG G . -33.35 33.03 -10.42
O6 NAG G . -35.81 32.02 -11.14
O7 NAG G . -29.51 33.95 -8.62
H1 NAG G . -33.16 34.17 -8.84
H2 NAG G . -31.02 34.23 -10.71
H3 NAG G . -33.01 36.24 -10.63
H4 NAG G . -32.87 34.27 -12.66
H5 NAG G . -34.79 34.38 -10.57
H61 NAG G . -35.77 33.47 -12.48
H62 NAG G . -34.57 32.43 -12.62
H81 NAG G . -30.01 36.41 -6.93
H82 NAG G . -28.61 35.64 -7.04
H83 NAG G . -28.95 36.83 -8.05
HN2 NAG G . -31.24 36.40 -9.09
HO3 NAG G . -30.90 35.81 -12.21
HO6 NAG G . -35.31 31.86 -10.42
C1 BMA G . -33.64 36.47 -13.75
C2 BMA G . -34.46 36.39 -15.04
C3 BMA G . -33.93 37.39 -16.07
C4 BMA G . -33.85 38.79 -15.47
C5 BMA G . -33.01 38.77 -14.19
C6 BMA G . -32.99 40.12 -13.49
O2 BMA G . -35.81 36.74 -14.80
O3 BMA G . -34.72 37.41 -17.24
O4 BMA G . -33.26 39.68 -16.41
O5 BMA G . -33.55 37.80 -13.27
O6 BMA G . -32.06 40.04 -12.41
H1 BMA G . -32.62 36.08 -13.95
H2 BMA G . -34.38 35.37 -15.44
H3 BMA G . -32.92 37.10 -16.39
H4 BMA G . -34.88 39.11 -15.21
H5 BMA G . -31.97 38.50 -14.45
H61 BMA G . -34.00 40.34 -13.13
H62 BMA G . -32.70 40.88 -14.23
HO2 BMA G . -36.09 36.23 -14.03
HO3 BMA G . -35.64 37.40 -16.93
HO4 BMA G . -33.84 39.66 -17.18
HO6 BMA G . -32.07 40.90 -11.96
C1 NAG H . -21.03 27.24 16.40
C2 NAG H . -21.67 26.56 17.58
C3 NAG H . -22.35 27.61 18.43
C4 NAG H . -21.35 28.67 18.86
C5 NAG H . -20.52 29.20 17.68
C6 NAG H . -19.32 30.01 18.10
C7 NAG H . -22.55 24.26 17.51
C8 NAG H . -23.63 23.37 16.98
N2 NAG H . -22.63 25.55 17.15
O3 NAG H . -22.92 26.99 19.58
O4 NAG H . -22.05 29.77 19.40
O5 NAG H . -20.03 28.12 16.86
O6 NAG H . -18.30 29.17 18.62
O7 NAG H . -21.65 23.84 18.22
H1 NAG H . -21.71 27.75 15.92
H2 NAG H . -20.97 26.13 18.11
H3 NAG H . -23.06 28.02 17.92
H4 NAG H . -20.74 28.30 19.53
H5 NAG H . -21.10 29.77 17.13
H61 NAG H . -18.98 30.48 17.33
H62 NAG H . -19.60 30.65 18.78
H81 NAG H . -23.35 22.44 17.05
H82 NAG H . -24.45 23.50 17.50
H83 NAG H . -23.80 23.59 16.04
HN2 NAG H . -23.32 25.81 16.62
HO3 NAG H . -23.58 26.46 19.34
HO6 NAG H . -17.57 29.65 18.76
C1 NAG H . -21.77 29.98 20.79
C2 NAG H . -22.36 31.32 21.20
C3 NAG H . -22.08 31.57 22.68
C4 NAG H . -22.61 30.42 23.52
C5 NAG H . -22.09 29.07 22.99
C6 NAG H . -22.76 27.89 23.66
C7 NAG H . -22.50 32.97 19.39
C8 NAG H . -21.80 34.07 18.67
N2 NAG H . -21.83 32.40 20.39
O3 NAG H . -22.71 32.78 23.08
O4 NAG H . -22.19 30.57 24.87
O5 NAG H . -22.34 28.95 21.59
O6 NAG H . -22.67 26.72 22.85
O7 NAG H . -23.64 32.61 19.09
H1 NAG H . -20.80 30.01 20.93
H2 NAG H . -23.32 31.28 21.08
H3 NAG H . -21.12 31.66 22.81
H4 NAG H . -23.59 30.42 23.48
H5 NAG H . -21.13 29.03 23.16
H61 NAG H . -22.34 27.72 24.52
H62 NAG H . -23.70 28.10 23.80
H81 NAG H . -20.99 33.72 18.24
H82 NAG H . -22.39 34.44 17.98
H83 NAG H . -21.55 34.78 19.30
HN2 NAG H . -20.98 32.70 20.57
HO3 NAG H . -22.40 33.45 22.59
HO4 NAG H . -22.38 31.40 25.14
HO6 NAG H . -22.57 26.96 21.99
ZN ZN I . -5.54 -4.99 -1.13
C1 NAG J . 2.90 -26.99 17.83
C2 NAG J . 1.64 -26.42 18.48
C3 NAG J . 2.04 -25.53 19.65
C4 NAG J . 2.86 -26.35 20.64
C5 NAG J . 4.05 -26.99 19.95
C6 NAG J . 4.79 -27.97 20.84
C7 NAG J . -0.45 -25.39 17.74
C8 NAG J . -1.16 -24.62 16.67
N2 NAG J . 0.83 -25.68 17.53
O3 NAG J . 0.88 -25.00 20.27
O4 NAG J . 3.32 -25.51 21.70
O5 NAG J . 3.62 -27.74 18.80
O6 NAG J . 5.48 -27.30 21.89
O7 NAG J . -1.04 -25.75 18.77
H1 NAG J . 3.45 -26.25 17.52
H2 NAG J . 1.11 -27.16 18.83
H3 NAG J . 2.59 -24.80 19.32
H4 NAG J . 2.29 -27.05 21.03
H5 NAG J . 4.67 -26.30 19.66
H61 NAG J . 4.15 -28.60 21.22
H62 NAG J . 5.44 -28.46 20.30
H81 NAG J . -2.11 -24.80 16.72
H82 NAG J . -0.99 -23.67 16.80
H83 NAG J . -0.82 -24.90 15.79
HN2 NAG J . 1.22 -25.39 16.75
HO3 NAG J . 0.21 -25.57 20.19
HO4 NAG J . 2.67 -24.95 21.94
HO6 NAG J . 5.00 -26.61 22.16
#